data_4K57
#
_entry.id   4K57
#
_cell.length_a   102.729
_cell.length_b   102.729
_cell.length_c   279.509
_cell.angle_alpha   90.000
_cell.angle_beta   90.000
_cell.angle_gamma   120.000
#
_symmetry.space_group_name_H-M   'H 3'
#
loop_
_entity.id
_entity.type
_entity.pdbx_description
1 polymer 'Delta-1-pyrroline-5-carboxylate dehydrogenase'
2 non-polymer (4R)-2-METHYLPENTANE-2,4-DIOL
3 water water
#
_entity_poly.entity_id   1
_entity_poly.type   'polypeptide(L)'
_entity_poly.pdbx_seq_one_letter_code
;GHMTVEPFRNEPIETFQTEEARRAMREALRRVREEFGRHYPLYIGGEWVDTKERMVSLNPSAPSEVVGTTAKAGKAEAEA
ALEAAWKAFKTWKDWPQEDRSALLLKAAALMRRRKRELEATLVYEVGKNWVEASADVAEAIDFIEYYARAALRYRYPAVE
VVPYPGEDNESFYVPLGAGVVIAPWNFPVAIFTGMIMGPVAVGNTVIAKPAEDAVVVGAKVFEIFHEAGFPPGVVNFLPG
VGEEVGAYLVEHPRTRFINFTGSLEVGLKIYEAAGRLAPGQTWFKRAYVETGGKDAIIVDETADFDLAAEGVVVSAYGFQ
GQKCSAASRLILTQGAYEPVLERVLKRAERLSVGPAEENPDLGPVVSAEQERKVLSYIEIGKNEGQLVLGGKRLEGEGYF
IAPTVFTEVPPKARIAQEEIFGPVLSVIRVKDFAEALEVANDTPYGLTGGVYSRKREHLEWARREFHVGNLYFNRKITGA
LVGVQPFGGFKLSGTNAKTGALDYLRLFLEMKAVAERF
;
_entity_poly.pdbx_strand_id   A,B
#
loop_
_chem_comp.id
_chem_comp.type
_chem_comp.name
_chem_comp.formula
MRD non-polymer (4R)-2-METHYLPENTANE-2,4-DIOL 'C6 H14 O2'
#
# COMPACT_ATOMS: atom_id res chain seq x y z
N MET A 3 5.87 28.08 -7.03
CA MET A 3 4.88 28.18 -5.96
C MET A 3 3.97 29.41 -6.15
N THR A 4 2.68 29.22 -5.91
CA THR A 4 1.69 30.26 -6.12
C THR A 4 1.21 30.80 -4.78
N VAL A 5 1.62 30.13 -3.69
CA VAL A 5 1.26 30.51 -2.34
C VAL A 5 2.52 30.52 -1.48
N GLU A 6 2.46 31.19 -0.34
CA GLU A 6 3.60 31.27 0.59
C GLU A 6 4.00 29.88 1.02
N PRO A 7 5.31 29.67 1.30
CA PRO A 7 5.76 28.38 1.83
C PRO A 7 4.98 27.98 3.08
N PHE A 8 4.75 26.68 3.21
CA PHE A 8 4.09 26.14 4.40
C PHE A 8 4.84 26.49 5.66
N ARG A 9 4.10 26.90 6.69
CA ARG A 9 4.63 27.03 8.05
C ARG A 9 3.54 26.48 8.95
N ASN A 10 3.94 25.88 10.07
CA ASN A 10 2.95 25.41 11.05
C ASN A 10 2.17 26.54 11.70
N GLU A 11 0.87 26.33 11.87
CA GLU A 11 0.01 27.30 12.54
C GLU A 11 0.44 27.41 13.99
N PRO A 12 0.56 28.63 14.51
CA PRO A 12 0.99 28.75 15.90
C PRO A 12 -0.02 28.17 16.87
N ILE A 13 0.47 27.58 17.95
CA ILE A 13 -0.39 26.99 18.97
C ILE A 13 -0.55 28.03 20.08
N GLU A 14 -1.79 28.37 20.39
CA GLU A 14 -2.06 29.45 21.33
C GLU A 14 -1.81 28.97 22.76
N THR A 15 -1.11 29.79 23.55
CA THR A 15 -0.81 29.47 24.94
C THR A 15 -1.72 30.21 25.93
N PHE A 16 -2.43 31.22 25.41
CA PHE A 16 -3.36 32.01 26.21
C PHE A 16 -2.68 32.72 27.37
N GLN A 17 -1.50 33.26 27.11
CA GLN A 17 -0.78 34.02 28.14
C GLN A 17 -0.95 35.53 27.98
N THR A 18 -1.58 35.97 26.89
CA THR A 18 -1.96 37.37 26.72
C THR A 18 -3.42 37.59 27.10
N GLU A 19 -3.74 38.78 27.59
CA GLU A 19 -5.11 39.11 27.94
C GLU A 19 -6.00 39.04 26.70
N GLU A 20 -5.44 39.40 25.55
CA GLU A 20 -6.18 39.35 24.30
C GLU A 20 -6.65 37.92 23.98
N ALA A 21 -5.74 36.95 24.13
CA ALA A 21 -6.08 35.56 23.85
C ALA A 21 -7.07 35.00 24.88
N ARG A 22 -6.88 35.35 26.15
CA ARG A 22 -7.81 34.90 27.19
C ARG A 22 -9.21 35.45 26.94
N ARG A 23 -9.28 36.74 26.63
CA ARG A 23 -10.55 37.38 26.36
C ARG A 23 -11.26 36.73 25.20
N ALA A 24 -10.53 36.42 24.13
CA ALA A 24 -11.14 35.82 22.96
C ALA A 24 -11.63 34.41 23.28
N MET A 25 -10.85 33.69 24.09
CA MET A 25 -11.21 32.31 24.44
C MET A 25 -12.40 32.28 25.38
N ARG A 26 -12.42 33.16 26.37
CA ARG A 26 -13.57 33.24 27.27
C ARG A 26 -14.85 33.50 26.48
N GLU A 27 -14.78 34.40 25.50
CA GLU A 27 -15.96 34.69 24.69
C GLU A 27 -16.36 33.46 23.85
N ALA A 28 -15.38 32.77 23.27
CA ALA A 28 -15.66 31.58 22.47
C ALA A 28 -16.31 30.48 23.31
N LEU A 29 -15.76 30.24 24.50
CA LEU A 29 -16.34 29.27 25.42
C LEU A 29 -17.77 29.63 25.81
N ARG A 30 -17.99 30.91 26.12
CA ARG A 30 -19.32 31.37 26.48
C ARG A 30 -20.33 31.12 25.36
N ARG A 31 -19.94 31.43 24.13
CA ARG A 31 -20.84 31.26 22.99
C ARG A 31 -21.13 29.81 22.66
N VAL A 32 -20.11 28.95 22.77
CA VAL A 32 -20.32 27.53 22.55
C VAL A 32 -21.23 26.96 23.64
N ARG A 33 -20.98 27.37 24.89
CA ARG A 33 -21.81 26.92 26.00
C ARG A 33 -23.27 27.35 25.81
N GLU A 34 -23.46 28.58 25.35
CA GLU A 34 -24.80 29.13 25.14
C GLU A 34 -25.53 28.42 24.01
N GLU A 35 -24.79 27.68 23.19
CA GLU A 35 -25.36 26.94 22.08
C GLU A 35 -25.51 25.45 22.36
N PHE A 36 -25.28 25.04 23.61
CA PHE A 36 -25.51 23.64 24.01
C PHE A 36 -26.93 23.20 23.66
N GLY A 37 -27.05 22.02 23.06
CA GLY A 37 -28.35 21.48 22.73
C GLY A 37 -28.70 21.59 21.26
N ARG A 38 -27.87 22.29 20.51
CA ARG A 38 -28.09 22.43 19.07
C ARG A 38 -28.06 21.08 18.36
N HIS A 39 -28.86 20.94 17.30
CA HIS A 39 -28.94 19.69 16.54
C HIS A 39 -28.28 19.83 15.17
N TYR A 40 -27.43 18.87 14.82
CA TYR A 40 -26.74 18.91 13.54
C TYR A 40 -27.11 17.67 12.70
N PRO A 41 -27.63 17.89 11.48
CA PRO A 41 -28.00 16.75 10.65
C PRO A 41 -26.79 16.06 10.01
N LEU A 42 -27.06 15.01 9.22
CA LEU A 42 -26.05 14.41 8.36
C LEU A 42 -25.76 15.39 7.24
N TYR A 43 -24.64 15.17 6.53
CA TYR A 43 -24.37 15.94 5.33
C TYR A 43 -24.10 14.96 4.19
N ILE A 44 -25.01 14.94 3.22
CA ILE A 44 -24.91 14.02 2.09
C ILE A 44 -25.24 14.73 0.79
N GLY A 45 -24.36 14.61 -0.20
CA GLY A 45 -24.63 15.19 -1.51
C GLY A 45 -24.91 16.67 -1.45
N GLY A 46 -24.14 17.39 -0.64
CA GLY A 46 -24.22 18.84 -0.60
C GLY A 46 -25.33 19.43 0.24
N GLU A 47 -26.10 18.57 0.92
CA GLU A 47 -27.19 19.07 1.76
C GLU A 47 -27.25 18.45 3.15
N TRP A 48 -27.76 19.22 4.10
CA TRP A 48 -27.98 18.69 5.44
C TRP A 48 -29.24 17.83 5.47
N VAL A 49 -29.08 16.58 5.88
CA VAL A 49 -30.14 15.59 5.85
C VAL A 49 -30.43 15.07 7.26
N ASP A 50 -31.65 15.28 7.75
CA ASP A 50 -31.98 14.86 9.12
C ASP A 50 -32.48 13.42 9.12
N THR A 51 -32.52 12.83 10.31
CA THR A 51 -33.06 11.49 10.50
C THR A 51 -33.99 11.47 11.71
N LYS A 52 -34.78 10.42 11.82
CA LYS A 52 -35.69 10.26 12.95
C LYS A 52 -34.92 10.00 14.23
N GLU A 53 -33.96 9.08 14.17
CA GLU A 53 -33.13 8.80 15.33
C GLU A 53 -32.09 9.89 15.53
N ARG A 54 -31.66 10.06 16.78
CA ARG A 54 -30.67 11.08 17.10
C ARG A 54 -29.53 10.49 17.91
N MET A 55 -28.39 11.16 17.88
CA MET A 55 -27.27 10.78 18.72
C MET A 55 -26.96 11.91 19.66
N VAL A 56 -26.56 11.57 20.87
CA VAL A 56 -26.35 12.56 21.92
C VAL A 56 -24.87 12.70 22.21
N SER A 57 -24.39 13.94 22.34
CA SER A 57 -23.01 14.17 22.69
C SER A 57 -22.98 14.87 24.03
N LEU A 58 -22.32 14.24 25.00
CA LEU A 58 -22.28 14.76 26.35
C LEU A 58 -20.98 15.49 26.64
N ASN A 59 -21.03 16.35 27.66
CA ASN A 59 -19.87 17.05 28.17
C ASN A 59 -19.22 16.14 29.21
N PRO A 60 -18.02 15.63 28.92
CA PRO A 60 -17.39 14.68 29.86
C PRO A 60 -16.99 15.31 31.19
N SER A 61 -16.95 16.64 31.25
CA SER A 61 -16.66 17.34 32.51
C SER A 61 -17.92 17.49 33.36
N ALA A 62 -19.07 17.34 32.71
CA ALA A 62 -20.36 17.42 33.38
C ALA A 62 -21.38 16.69 32.53
N PRO A 63 -21.43 15.36 32.66
CA PRO A 63 -22.14 14.55 31.66
C PRO A 63 -23.67 14.66 31.67
N SER A 64 -24.23 15.40 32.61
CA SER A 64 -25.66 15.69 32.53
C SER A 64 -25.93 16.75 31.47
N GLU A 65 -24.87 17.41 30.99
CA GLU A 65 -24.97 18.47 30.00
C GLU A 65 -24.84 17.91 28.59
N VAL A 66 -25.83 18.20 27.75
CA VAL A 66 -25.79 17.81 26.34
C VAL A 66 -25.19 18.93 25.51
N VAL A 67 -24.01 18.67 24.94
CA VAL A 67 -23.32 19.63 24.10
C VAL A 67 -24.10 19.84 22.81
N GLY A 68 -24.59 18.74 22.26
CA GLY A 68 -25.44 18.83 21.09
C GLY A 68 -25.94 17.45 20.71
N THR A 69 -26.83 17.41 19.72
CA THR A 69 -27.26 16.15 19.15
C THR A 69 -26.97 16.13 17.67
N THR A 70 -26.89 14.94 17.09
CA THR A 70 -26.80 14.85 15.64
C THR A 70 -27.81 13.84 15.12
N ALA A 71 -28.04 13.90 13.81
CA ALA A 71 -28.76 12.84 13.14
C ALA A 71 -27.94 11.55 13.24
N LYS A 72 -28.58 10.43 12.96
CA LYS A 72 -27.92 9.13 13.08
C LYS A 72 -28.03 8.39 11.77
N ALA A 73 -26.89 8.08 11.15
CA ALA A 73 -26.86 7.41 9.86
C ALA A 73 -27.08 5.90 10.02
N GLY A 74 -27.86 5.33 9.11
CA GLY A 74 -28.02 3.88 9.02
C GLY A 74 -27.57 3.41 7.64
N LYS A 75 -27.98 2.20 7.25
CA LYS A 75 -27.55 1.66 5.96
C LYS A 75 -28.07 2.49 4.78
N ALA A 76 -29.32 2.95 4.89
CA ALA A 76 -29.92 3.69 3.79
C ALA A 76 -29.15 4.98 3.53
N GLU A 77 -28.74 5.64 4.61
CA GLU A 77 -27.94 6.86 4.48
C GLU A 77 -26.53 6.57 3.98
N ALA A 78 -25.96 5.44 4.38
CA ALA A 78 -24.65 5.05 3.89
C ALA A 78 -24.73 4.78 2.40
N GLU A 79 -25.78 4.08 2.00
CA GLU A 79 -26.01 3.79 0.59
C GLU A 79 -26.16 5.09 -0.21
N ALA A 80 -26.92 6.05 0.33
CA ALA A 80 -27.10 7.33 -0.35
C ALA A 80 -25.80 8.12 -0.45
N ALA A 81 -24.99 8.05 0.61
CA ALA A 81 -23.70 8.73 0.61
C ALA A 81 -22.77 8.15 -0.45
N LEU A 82 -22.79 6.83 -0.59
CA LEU A 82 -21.95 6.17 -1.59
C LEU A 82 -22.32 6.59 -3.00
N GLU A 83 -23.62 6.64 -3.27
CA GLU A 83 -24.13 7.10 -4.55
C GLU A 83 -23.70 8.53 -4.83
N ALA A 84 -23.87 9.41 -3.84
CA ALA A 84 -23.48 10.81 -3.99
C ALA A 84 -21.98 10.95 -4.24
N ALA A 85 -21.20 10.18 -3.49
CA ALA A 85 -19.74 10.28 -3.57
C ALA A 85 -19.22 9.80 -4.92
N TRP A 86 -19.80 8.72 -5.44
CA TRP A 86 -19.34 8.22 -6.74
C TRP A 86 -19.79 9.14 -7.87
N LYS A 87 -20.99 9.70 -7.74
CA LYS A 87 -21.47 10.66 -8.73
C LYS A 87 -20.56 11.89 -8.76
N ALA A 88 -20.17 12.37 -7.57
CA ALA A 88 -19.30 13.53 -7.48
C ALA A 88 -17.93 13.21 -8.05
N PHE A 89 -17.45 11.99 -7.80
CA PHE A 89 -16.13 11.60 -8.25
C PHE A 89 -15.94 11.78 -9.74
N LYS A 90 -16.98 11.47 -10.51
CA LYS A 90 -16.94 11.53 -11.98
C LYS A 90 -16.41 12.86 -12.50
N THR A 91 -16.74 13.94 -11.81
CA THR A 91 -16.24 15.26 -12.21
C THR A 91 -15.13 15.81 -11.31
N TRP A 92 -15.20 15.52 -10.02
CA TRP A 92 -14.19 16.00 -9.07
C TRP A 92 -12.77 15.53 -9.45
N LYS A 93 -12.68 14.32 -9.99
CA LYS A 93 -11.39 13.74 -10.38
C LYS A 93 -10.73 14.56 -11.49
N ASP A 94 -11.54 15.33 -12.23
CA ASP A 94 -11.03 16.05 -13.38
C ASP A 94 -10.85 17.56 -13.16
N TRP A 95 -11.10 18.03 -11.95
CA TRP A 95 -10.73 19.40 -11.60
C TRP A 95 -9.22 19.51 -11.76
N PRO A 96 -8.73 20.65 -12.28
CA PRO A 96 -7.28 20.88 -12.27
C PRO A 96 -6.81 20.89 -10.82
N GLN A 97 -5.62 20.37 -10.54
CA GLN A 97 -5.17 20.27 -9.16
C GLN A 97 -5.14 21.62 -8.45
N GLU A 98 -4.77 22.67 -9.17
CA GLU A 98 -4.72 23.99 -8.53
C GLU A 98 -6.09 24.46 -8.04
N ASP A 99 -7.16 24.00 -8.70
CA ASP A 99 -8.51 24.37 -8.29
C ASP A 99 -8.97 23.58 -7.07
N ARG A 100 -8.58 22.31 -6.99
CA ARG A 100 -8.86 21.50 -5.79
C ARG A 100 -8.07 22.04 -4.61
N SER A 101 -6.79 22.35 -4.85
CA SER A 101 -5.94 22.90 -3.78
C SER A 101 -6.44 24.26 -3.29
N ALA A 102 -6.93 25.10 -4.21
CA ALA A 102 -7.49 26.38 -3.81
C ALA A 102 -8.71 26.19 -2.92
N LEU A 103 -9.51 25.16 -3.19
CA LEU A 103 -10.68 24.89 -2.37
C LEU A 103 -10.23 24.51 -0.96
N LEU A 104 -9.19 23.71 -0.88
CA LEU A 104 -8.60 23.39 0.43
C LEU A 104 -8.14 24.65 1.15
N LEU A 105 -7.40 25.51 0.45
CA LEU A 105 -6.92 26.74 1.07
C LEU A 105 -8.05 27.63 1.56
N LYS A 106 -9.16 27.68 0.82
CA LYS A 106 -10.33 28.42 1.27
C LYS A 106 -10.86 27.80 2.58
N ALA A 107 -10.96 26.49 2.61
CA ALA A 107 -11.41 25.81 3.83
C ALA A 107 -10.47 26.09 5.02
N ALA A 108 -9.17 26.11 4.78
CA ALA A 108 -8.23 26.45 5.83
C ALA A 108 -8.45 27.88 6.34
N ALA A 109 -8.71 28.82 5.43
CA ALA A 109 -8.93 30.20 5.82
C ALA A 109 -10.19 30.31 6.68
N LEU A 110 -11.22 29.56 6.31
CA LEU A 110 -12.46 29.58 7.06
C LEU A 110 -12.27 28.93 8.42
N MET A 111 -11.53 27.83 8.47
CA MET A 111 -11.26 27.16 9.75
C MET A 111 -10.47 28.07 10.68
N ARG A 112 -9.47 28.76 10.13
CA ARG A 112 -8.65 29.67 10.91
C ARG A 112 -9.49 30.79 11.53
N ARG A 113 -10.48 31.26 10.79
CA ARG A 113 -11.33 32.35 11.27
C ARG A 113 -12.32 31.88 12.34
N ARG A 114 -12.52 30.57 12.44
CA ARG A 114 -13.39 30.01 13.47
C ARG A 114 -12.58 29.25 14.53
N LYS A 115 -11.29 29.51 14.62
CA LYS A 115 -10.48 28.64 15.46
C LYS A 115 -10.84 28.65 16.95
N ARG A 116 -11.15 29.82 17.50
CA ARG A 116 -11.50 29.90 18.92
C ARG A 116 -12.76 29.10 19.19
N GLU A 117 -13.73 29.21 18.30
CA GLU A 117 -14.98 28.45 18.39
C GLU A 117 -14.73 26.94 18.36
N LEU A 118 -13.91 26.50 17.42
CA LEU A 118 -13.57 25.08 17.33
C LEU A 118 -12.82 24.62 18.58
N GLU A 119 -11.90 25.43 19.08
CA GLU A 119 -11.18 25.08 20.30
C GLU A 119 -12.15 24.92 21.47
N ALA A 120 -13.03 25.91 21.65
CA ALA A 120 -14.03 25.85 22.71
C ALA A 120 -14.92 24.60 22.60
N THR A 121 -15.23 24.18 21.38
CA THR A 121 -16.07 23.01 21.17
C THR A 121 -15.32 21.74 21.61
N LEU A 122 -14.02 21.68 21.33
CA LEU A 122 -13.21 20.57 21.80
C LEU A 122 -13.16 20.51 23.33
N VAL A 123 -13.01 21.68 23.96
CA VAL A 123 -12.99 21.76 25.41
C VAL A 123 -14.23 21.11 26.01
N TYR A 124 -15.40 21.49 25.51
CA TYR A 124 -16.66 20.99 26.04
C TYR A 124 -17.02 19.57 25.58
N GLU A 125 -16.75 19.24 24.32
CA GLU A 125 -17.21 17.94 23.81
C GLU A 125 -16.28 16.78 24.17
N VAL A 126 -14.97 17.01 24.15
CA VAL A 126 -14.04 15.92 24.47
C VAL A 126 -13.11 16.18 25.65
N GLY A 127 -13.29 17.30 26.36
CA GLY A 127 -12.57 17.51 27.60
C GLY A 127 -11.11 17.88 27.46
N LYS A 128 -10.78 18.53 26.36
CA LYS A 128 -9.43 19.10 26.19
C LYS A 128 -9.31 20.38 26.99
N ASN A 129 -8.16 20.57 27.64
CA ASN A 129 -7.88 21.89 28.18
C ASN A 129 -7.58 22.87 27.04
N TRP A 130 -7.29 24.12 27.36
CA TRP A 130 -7.26 25.14 26.32
C TRP A 130 -6.14 24.94 25.30
N VAL A 131 -4.94 24.61 25.78
CA VAL A 131 -3.81 24.45 24.86
C VAL A 131 -3.90 23.17 24.06
N GLU A 132 -4.38 22.10 24.68
CA GLU A 132 -4.63 20.87 23.93
C GLU A 132 -5.66 21.12 22.82
N ALA A 133 -6.69 21.91 23.12
CA ALA A 133 -7.68 22.25 22.11
C ALA A 133 -7.06 23.07 20.99
N SER A 134 -6.24 24.04 21.36
CA SER A 134 -5.60 24.90 20.36
C SER A 134 -4.65 24.12 19.46
N ALA A 135 -3.91 23.18 20.06
CA ALA A 135 -2.97 22.36 19.30
C ALA A 135 -3.69 21.50 18.26
N ASP A 136 -4.86 21.01 18.64
CA ASP A 136 -5.71 20.16 17.79
C ASP A 136 -6.19 20.96 16.57
N VAL A 137 -6.80 22.12 16.81
CA VAL A 137 -7.27 22.94 15.70
C VAL A 137 -6.13 23.41 14.81
N ALA A 138 -4.99 23.73 15.42
CA ALA A 138 -3.84 24.20 14.65
C ALA A 138 -3.33 23.10 13.72
N GLU A 139 -3.32 21.88 14.24
CA GLU A 139 -2.90 20.71 13.45
C GLU A 139 -3.86 20.48 12.29
N ALA A 140 -5.15 20.71 12.53
CA ALA A 140 -6.15 20.52 11.48
C ALA A 140 -5.91 21.52 10.34
N ILE A 141 -5.68 22.77 10.72
CA ILE A 141 -5.38 23.80 9.74
C ILE A 141 -4.11 23.41 9.00
N ASP A 142 -3.11 22.94 9.73
CA ASP A 142 -1.87 22.46 9.10
C ASP A 142 -2.09 21.37 8.07
N PHE A 143 -2.95 20.39 8.36
CA PHE A 143 -3.20 19.32 7.40
C PHE A 143 -3.75 19.90 6.10
N ILE A 144 -4.69 20.82 6.21
CA ILE A 144 -5.30 21.40 5.02
C ILE A 144 -4.26 22.18 4.22
N GLU A 145 -3.51 23.04 4.90
CA GLU A 145 -2.49 23.86 4.25
C GLU A 145 -1.41 22.98 3.63
N TYR A 146 -0.99 21.96 4.37
CA TYR A 146 0.06 21.07 3.88
C TYR A 146 -0.41 20.22 2.71
N TYR A 147 -1.56 19.55 2.85
CA TYR A 147 -2.02 18.69 1.76
C TYR A 147 -2.38 19.49 0.50
N ALA A 148 -2.88 20.71 0.66
CA ALA A 148 -3.15 21.54 -0.53
C ALA A 148 -1.87 21.73 -1.34
N ARG A 149 -0.76 21.98 -0.66
CA ARG A 149 0.52 22.20 -1.33
C ARG A 149 1.14 20.91 -1.82
N ALA A 150 1.09 19.87 -0.99
CA ALA A 150 1.65 18.57 -1.35
C ALA A 150 0.98 17.99 -2.60
N ALA A 151 -0.32 18.22 -2.74
CA ALA A 151 -1.07 17.64 -3.84
C ALA A 151 -0.51 18.10 -5.20
N LEU A 152 0.02 19.32 -5.23
CA LEU A 152 0.60 19.84 -6.46
C LEU A 152 1.79 19.01 -6.95
N ARG A 153 2.48 18.35 -6.03
CA ARG A 153 3.65 17.57 -6.41
C ARG A 153 3.30 16.31 -7.21
N TYR A 154 2.02 15.95 -7.22
CA TYR A 154 1.58 14.78 -7.98
C TYR A 154 0.94 15.16 -9.32
N ARG A 155 0.80 16.45 -9.59
CA ARG A 155 0.22 16.88 -10.87
C ARG A 155 1.14 16.55 -12.05
N TYR A 156 0.54 16.25 -13.20
CA TYR A 156 1.29 15.93 -14.41
C TYR A 156 2.13 17.11 -14.85
N PRO A 157 3.39 16.87 -15.25
CA PRO A 157 4.08 15.57 -15.19
C PRO A 157 4.79 15.33 -13.86
N ALA A 158 4.66 14.11 -13.32
CA ALA A 158 5.21 13.77 -12.00
C ALA A 158 5.92 12.42 -11.92
N VAL A 159 5.91 11.66 -13.02
CA VAL A 159 6.53 10.34 -13.03
C VAL A 159 7.74 10.34 -13.96
N GLU A 160 8.89 9.95 -13.45
CA GLU A 160 10.09 9.88 -14.28
C GLU A 160 10.08 8.62 -15.09
N VAL A 161 10.10 8.76 -16.41
CA VAL A 161 10.13 7.60 -17.29
C VAL A 161 11.30 7.65 -18.26
N VAL A 162 11.68 6.48 -18.76
CA VAL A 162 12.74 6.33 -19.75
C VAL A 162 12.10 6.49 -21.13
N PRO A 163 12.60 7.41 -21.95
CA PRO A 163 11.97 7.55 -23.26
C PRO A 163 12.30 6.41 -24.22
N TYR A 164 11.50 6.27 -25.27
CA TYR A 164 11.70 5.24 -26.26
C TYR A 164 11.56 5.86 -27.63
N PRO A 165 12.42 5.49 -28.57
CA PRO A 165 12.40 6.12 -29.89
C PRO A 165 11.06 6.00 -30.61
N GLY A 166 10.59 7.10 -31.17
CA GLY A 166 9.41 7.09 -32.02
C GLY A 166 8.11 7.00 -31.24
N GLU A 167 8.19 7.21 -29.93
CA GLU A 167 7.06 7.06 -29.04
C GLU A 167 6.93 8.20 -28.07
N ASP A 168 5.70 8.49 -27.67
CA ASP A 168 5.42 9.37 -26.54
C ASP A 168 4.95 8.50 -25.39
N ASN A 169 5.64 8.56 -24.27
CA ASN A 169 5.27 7.75 -23.11
C ASN A 169 4.92 8.65 -21.93
N GLU A 170 3.65 8.61 -21.51
CA GLU A 170 3.15 9.48 -20.46
C GLU A 170 2.65 8.65 -19.28
N SER A 171 3.22 8.88 -18.11
CA SER A 171 2.71 8.22 -16.91
C SER A 171 2.20 9.29 -15.97
N PHE A 172 1.04 9.02 -15.38
CA PHE A 172 0.39 10.01 -14.52
C PHE A 172 -0.49 9.37 -13.46
N TYR A 173 -0.75 10.13 -12.41
CA TYR A 173 -1.56 9.64 -11.30
C TYR A 173 -3.01 10.02 -11.50
N VAL A 174 -3.89 9.11 -11.08
CA VAL A 174 -5.33 9.38 -11.04
C VAL A 174 -5.86 8.97 -9.67
N PRO A 175 -6.89 9.67 -9.18
CA PRO A 175 -7.40 9.28 -7.86
C PRO A 175 -8.17 7.95 -7.95
N LEU A 176 -8.40 7.34 -6.79
CA LEU A 176 -9.00 6.01 -6.72
C LEU A 176 -10.52 5.99 -6.89
N GLY A 177 -11.22 6.93 -6.25
CA GLY A 177 -12.66 6.90 -6.28
C GLY A 177 -13.25 7.40 -4.97
N ALA A 178 -14.38 6.80 -4.57
CA ALA A 178 -15.05 7.16 -3.32
C ALA A 178 -14.61 6.24 -2.21
N GLY A 179 -14.19 6.80 -1.08
CA GLY A 179 -13.75 5.97 0.02
C GLY A 179 -14.35 6.40 1.33
N VAL A 180 -14.01 5.68 2.39
CA VAL A 180 -14.58 5.89 3.71
CA VAL A 180 -14.59 5.94 3.70
C VAL A 180 -13.50 6.29 4.70
N VAL A 181 -13.80 7.29 5.52
CA VAL A 181 -12.93 7.71 6.61
C VAL A 181 -13.63 7.34 7.91
N ILE A 182 -12.93 6.64 8.79
CA ILE A 182 -13.44 6.31 10.12
C ILE A 182 -12.49 6.97 11.11
N ALA A 183 -12.98 7.99 11.80
CA ALA A 183 -12.12 8.90 12.56
C ALA A 183 -12.20 8.65 14.07
N PRO A 184 -11.17 9.09 14.83
CA PRO A 184 -11.13 8.88 16.27
C PRO A 184 -11.70 10.08 17.03
N TRP A 185 -11.96 9.88 18.33
CA TRP A 185 -12.47 10.96 19.15
C TRP A 185 -11.40 11.82 19.78
N ASN A 186 -10.16 11.34 19.81
CA ASN A 186 -9.14 12.08 20.56
C ASN A 186 -8.55 13.28 19.83
N PHE A 187 -8.53 13.25 18.51
CA PHE A 187 -8.21 14.45 17.73
C PHE A 187 -9.28 14.64 16.68
N PRO A 188 -10.48 15.01 17.13
CA PRO A 188 -11.65 14.98 16.24
C PRO A 188 -11.80 16.22 15.38
N VAL A 189 -10.90 17.19 15.50
CA VAL A 189 -10.78 18.19 14.44
C VAL A 189 -9.59 17.85 13.57
N ALA A 190 -8.41 17.70 14.17
CA ALA A 190 -7.19 17.46 13.39
C ALA A 190 -7.20 16.21 12.52
N ILE A 191 -7.38 15.05 13.14
CA ILE A 191 -7.25 13.79 12.40
C ILE A 191 -8.46 13.57 11.50
N PHE A 192 -9.65 13.93 11.99
CA PHE A 192 -10.85 13.95 11.17
C PHE A 192 -10.62 14.75 9.89
N THR A 193 -10.10 15.97 10.04
CA THR A 193 -9.81 16.85 8.90
C THR A 193 -8.75 16.28 7.96
N GLY A 194 -7.62 15.83 8.51
CA GLY A 194 -6.53 15.32 7.69
C GLY A 194 -6.89 14.08 6.90
N MET A 195 -7.59 13.15 7.55
CA MET A 195 -7.99 11.91 6.90
CA MET A 195 -7.96 11.91 6.88
C MET A 195 -8.94 12.13 5.73
N ILE A 196 -9.72 13.21 5.80
CA ILE A 196 -10.68 13.52 4.76
C ILE A 196 -10.00 14.33 3.66
N MET A 197 -9.26 15.36 4.05
CA MET A 197 -8.72 16.31 3.09
C MET A 197 -7.57 15.78 2.26
N GLY A 198 -6.79 14.84 2.79
CA GLY A 198 -5.71 14.25 2.00
C GLY A 198 -6.24 13.56 0.76
N PRO A 199 -7.14 12.58 0.93
CA PRO A 199 -7.72 11.92 -0.25
C PRO A 199 -8.50 12.89 -1.15
N VAL A 200 -9.25 13.81 -0.56
CA VAL A 200 -10.03 14.75 -1.37
C VAL A 200 -9.16 15.66 -2.21
N ALA A 201 -8.01 16.07 -1.65
CA ALA A 201 -7.11 17.02 -2.33
C ALA A 201 -6.72 16.53 -3.73
N VAL A 202 -6.45 15.22 -3.84
CA VAL A 202 -5.94 14.66 -5.10
C VAL A 202 -7.05 14.06 -5.97
N GLY A 203 -8.31 14.30 -5.59
CA GLY A 203 -9.43 13.96 -6.48
C GLY A 203 -10.32 12.82 -6.06
N ASN A 204 -10.10 12.28 -4.87
CA ASN A 204 -11.03 11.28 -4.32
C ASN A 204 -12.22 11.96 -3.67
N THR A 205 -13.27 11.18 -3.44
CA THR A 205 -14.41 11.66 -2.64
C THR A 205 -14.50 10.80 -1.40
N VAL A 206 -15.12 11.34 -0.35
CA VAL A 206 -15.03 10.70 0.96
C VAL A 206 -16.36 10.68 1.69
N ILE A 207 -16.65 9.55 2.31
CA ILE A 207 -17.74 9.45 3.28
C ILE A 207 -17.10 9.30 4.65
N ALA A 208 -17.35 10.26 5.53
CA ALA A 208 -16.66 10.32 6.81
C ALA A 208 -17.58 9.98 7.96
N LYS A 209 -17.09 9.10 8.83
CA LYS A 209 -17.83 8.68 10.00
C LYS A 209 -17.09 9.19 11.23
N PRO A 210 -17.61 10.24 11.89
CA PRO A 210 -16.92 10.75 13.08
C PRO A 210 -17.07 9.77 14.23
N ALA A 211 -16.17 9.84 15.19
CA ALA A 211 -16.31 9.07 16.41
C ALA A 211 -17.53 9.55 17.19
N GLU A 212 -18.22 8.62 17.84
CA GLU A 212 -19.47 8.91 18.56
C GLU A 212 -19.35 10.06 19.58
N ASP A 213 -18.19 10.14 20.23
CA ASP A 213 -17.99 11.10 21.31
C ASP A 213 -17.71 12.51 20.78
N ALA A 214 -17.52 12.62 19.47
CA ALA A 214 -17.09 13.89 18.90
C ALA A 214 -17.88 14.27 17.65
N VAL A 215 -19.16 13.91 17.64
CA VAL A 215 -20.02 14.18 16.50
C VAL A 215 -20.29 15.68 16.28
N VAL A 216 -20.38 16.46 17.35
CA VAL A 216 -20.70 17.88 17.20
C VAL A 216 -19.56 18.63 16.52
N VAL A 217 -18.34 18.44 17.00
CA VAL A 217 -17.23 19.17 16.40
C VAL A 217 -16.98 18.69 14.95
N GLY A 218 -17.32 17.43 14.67
CA GLY A 218 -17.27 16.92 13.31
C GLY A 218 -18.24 17.63 12.41
N ALA A 219 -19.46 17.88 12.91
CA ALA A 219 -20.45 18.67 12.18
C ALA A 219 -19.94 20.07 11.88
N LYS A 220 -19.28 20.70 12.85
CA LYS A 220 -18.78 22.06 12.65
C LYS A 220 -17.70 22.10 11.57
N VAL A 221 -16.87 21.07 11.51
CA VAL A 221 -15.89 20.96 10.43
C VAL A 221 -16.62 20.84 9.09
N PHE A 222 -17.71 20.08 9.07
CA PHE A 222 -18.50 20.02 7.84
C PHE A 222 -19.18 21.32 7.46
N GLU A 223 -19.54 22.15 8.46
CA GLU A 223 -20.04 23.49 8.17
C GLU A 223 -19.00 24.28 7.37
N ILE A 224 -17.74 24.12 7.77
CA ILE A 224 -16.63 24.73 7.05
C ILE A 224 -16.48 24.19 5.62
N PHE A 225 -16.51 22.87 5.46
CA PHE A 225 -16.41 22.28 4.12
C PHE A 225 -17.54 22.81 3.24
N HIS A 226 -18.74 22.88 3.80
CA HIS A 226 -19.90 23.34 3.05
C HIS A 226 -19.73 24.80 2.63
N GLU A 227 -19.30 25.64 3.57
CA GLU A 227 -19.14 27.06 3.28
C GLU A 227 -18.03 27.29 2.24
N ALA A 228 -17.00 26.45 2.27
CA ALA A 228 -15.89 26.57 1.34
C ALA A 228 -16.35 26.31 -0.09
N GLY A 229 -17.37 25.46 -0.22
CA GLY A 229 -17.96 25.18 -1.51
C GLY A 229 -17.53 23.91 -2.22
N PHE A 230 -17.15 22.89 -1.46
CA PHE A 230 -16.88 21.59 -2.08
C PHE A 230 -18.16 21.14 -2.78
N PRO A 231 -18.04 20.65 -4.03
CA PRO A 231 -19.21 20.24 -4.81
C PRO A 231 -19.99 19.13 -4.10
N PRO A 232 -21.30 19.05 -4.34
CA PRO A 232 -22.16 18.05 -3.72
C PRO A 232 -21.58 16.65 -3.89
N GLY A 233 -21.49 15.89 -2.79
CA GLY A 233 -20.98 14.53 -2.84
C GLY A 233 -19.48 14.35 -2.58
N VAL A 234 -18.70 15.43 -2.66
CA VAL A 234 -17.24 15.29 -2.52
C VAL A 234 -16.85 14.91 -1.10
N VAL A 235 -17.52 15.51 -0.12
CA VAL A 235 -17.37 15.11 1.28
C VAL A 235 -18.75 14.88 1.91
N ASN A 236 -18.88 13.81 2.70
CA ASN A 236 -20.15 13.46 3.31
C ASN A 236 -19.95 13.07 4.77
N PHE A 237 -20.92 13.40 5.60
CA PHE A 237 -20.79 13.31 7.06
C PHE A 237 -21.86 12.36 7.59
N LEU A 238 -21.43 11.23 8.13
CA LEU A 238 -22.35 10.20 8.62
C LEU A 238 -22.03 9.77 10.05
N PRO A 239 -22.39 10.61 11.03
CA PRO A 239 -22.30 10.15 12.42
C PRO A 239 -23.20 8.94 12.63
N GLY A 240 -22.78 8.01 13.48
CA GLY A 240 -23.55 6.78 13.68
C GLY A 240 -23.23 6.08 14.99
N VAL A 241 -24.19 5.31 15.51
CA VAL A 241 -24.01 4.57 16.76
C VAL A 241 -23.51 3.15 16.52
N GLY A 242 -22.43 2.78 17.20
CA GLY A 242 -21.94 1.42 17.12
C GLY A 242 -21.41 1.06 15.75
N GLU A 243 -21.39 -0.24 15.47
CA GLU A 243 -20.66 -0.79 14.32
C GLU A 243 -21.45 -0.75 13.02
N GLU A 244 -22.74 -0.44 13.08
CA GLU A 244 -23.61 -0.58 11.92
C GLU A 244 -23.07 0.11 10.67
N VAL A 245 -23.04 1.45 10.69
CA VAL A 245 -22.70 2.18 9.48
C VAL A 245 -21.23 2.04 9.09
N GLY A 246 -20.33 2.01 10.08
CA GLY A 246 -18.92 1.78 9.80
C GLY A 246 -18.67 0.44 9.12
N ALA A 247 -19.24 -0.62 9.67
CA ALA A 247 -19.04 -1.96 9.10
C ALA A 247 -19.65 -2.07 7.70
N TYR A 248 -20.85 -1.52 7.55
CA TYR A 248 -21.54 -1.52 6.26
C TYR A 248 -20.68 -0.87 5.18
N LEU A 249 -20.10 0.27 5.49
CA LEU A 249 -19.24 0.97 4.54
C LEU A 249 -17.92 0.22 4.25
N VAL A 250 -17.29 -0.29 5.30
CA VAL A 250 -16.04 -1.04 5.14
C VAL A 250 -16.21 -2.27 4.24
N GLU A 251 -17.33 -2.99 4.42
CA GLU A 251 -17.58 -4.25 3.71
C GLU A 251 -18.24 -4.07 2.33
N HIS A 252 -18.67 -2.86 2.02
CA HIS A 252 -19.45 -2.60 0.80
C HIS A 252 -18.60 -2.84 -0.44
N PRO A 253 -19.17 -3.49 -1.47
CA PRO A 253 -18.37 -3.75 -2.68
C PRO A 253 -17.98 -2.47 -3.41
N ARG A 254 -18.70 -1.38 -3.16
CA ARG A 254 -18.45 -0.12 -3.86
C ARG A 254 -17.58 0.86 -3.08
N THR A 255 -17.06 0.44 -1.93
CA THR A 255 -16.09 1.26 -1.19
C THR A 255 -14.69 1.02 -1.73
N ARG A 256 -14.05 2.06 -2.24
CA ARG A 256 -12.76 1.88 -2.92
C ARG A 256 -11.59 1.80 -1.96
N PHE A 257 -11.67 2.56 -0.87
CA PHE A 257 -10.59 2.58 0.11
C PHE A 257 -11.13 2.91 1.48
N ILE A 258 -10.38 2.56 2.51
CA ILE A 258 -10.78 2.85 3.88
C ILE A 258 -9.61 3.50 4.59
N ASN A 259 -9.85 4.68 5.17
CA ASN A 259 -8.83 5.38 5.93
C ASN A 259 -9.28 5.33 7.38
N PHE A 260 -8.52 4.66 8.25
CA PHE A 260 -8.95 4.45 9.63
C PHE A 260 -7.90 4.86 10.64
N THR A 261 -8.33 5.54 11.70
CA THR A 261 -7.47 5.81 12.85
C THR A 261 -8.29 5.46 14.09
N GLY A 262 -7.76 4.59 14.94
CA GLY A 262 -8.48 4.18 16.13
C GLY A 262 -7.80 3.01 16.82
N SER A 263 -8.58 2.18 17.51
CA SER A 263 -8.03 1.08 18.30
C SER A 263 -7.51 -0.06 17.44
N LEU A 264 -6.56 -0.82 17.98
CA LEU A 264 -6.04 -1.99 17.29
C LEU A 264 -7.14 -3.02 17.01
N GLU A 265 -8.01 -3.24 18.00
CA GLU A 265 -9.09 -4.21 17.84
C GLU A 265 -9.93 -3.92 16.60
N VAL A 266 -10.29 -2.65 16.42
CA VAL A 266 -11.11 -2.28 15.27
C VAL A 266 -10.27 -2.28 13.99
N GLY A 267 -9.06 -1.76 14.07
CA GLY A 267 -8.16 -1.75 12.93
C GLY A 267 -7.91 -3.12 12.35
N LEU A 268 -7.78 -4.12 13.21
CA LEU A 268 -7.56 -5.48 12.74
C LEU A 268 -8.76 -6.00 11.95
N LYS A 269 -9.96 -5.68 12.43
CA LYS A 269 -11.18 -6.10 11.73
C LYS A 269 -11.32 -5.42 10.38
N ILE A 270 -10.95 -4.15 10.31
CA ILE A 270 -11.04 -3.39 9.07
C ILE A 270 -10.06 -3.90 8.03
N TYR A 271 -8.83 -4.14 8.45
CA TYR A 271 -7.81 -4.67 7.54
C TYR A 271 -8.23 -6.04 7.00
N GLU A 272 -8.77 -6.89 7.86
CA GLU A 272 -9.23 -8.19 7.42
C GLU A 272 -10.39 -8.06 6.43
N ALA A 273 -11.35 -7.21 6.75
CA ALA A 273 -12.48 -7.01 5.86
C ALA A 273 -12.07 -6.44 4.51
N ALA A 274 -11.10 -5.52 4.53
CA ALA A 274 -10.59 -4.88 3.31
C ALA A 274 -9.92 -5.89 2.39
N GLY A 275 -9.42 -6.98 2.96
CA GLY A 275 -8.77 -8.02 2.19
C GLY A 275 -9.70 -8.95 1.45
N ARG A 276 -10.99 -8.88 1.78
CA ARG A 276 -11.99 -9.75 1.19
C ARG A 276 -12.65 -9.10 -0.02
N LEU A 277 -13.04 -9.93 -0.99
CA LEU A 277 -13.78 -9.46 -2.15
C LEU A 277 -15.27 -9.62 -1.86
N ALA A 278 -15.94 -8.51 -1.54
CA ALA A 278 -17.39 -8.52 -1.37
C ALA A 278 -18.05 -8.93 -2.67
N PRO A 279 -19.24 -9.54 -2.60
CA PRO A 279 -19.95 -9.93 -3.82
C PRO A 279 -20.14 -8.76 -4.79
N GLY A 280 -19.69 -8.94 -6.03
CA GLY A 280 -19.78 -7.89 -7.03
C GLY A 280 -18.65 -6.88 -7.05
N GLN A 281 -17.76 -6.95 -6.06
CA GLN A 281 -16.64 -6.01 -5.96
C GLN A 281 -15.67 -6.20 -7.13
N THR A 282 -15.13 -5.09 -7.64
CA THR A 282 -14.30 -5.14 -8.85
C THR A 282 -12.93 -4.52 -8.66
N TRP A 283 -12.43 -4.51 -7.43
CA TRP A 283 -11.08 -4.04 -7.16
C TRP A 283 -10.54 -4.63 -5.88
N PHE A 284 -9.25 -4.44 -5.65
CA PHE A 284 -8.62 -4.76 -4.39
C PHE A 284 -8.64 -3.51 -3.51
N LYS A 285 -9.40 -3.56 -2.42
CA LYS A 285 -9.52 -2.41 -1.53
C LYS A 285 -8.19 -2.03 -0.93
N ARG A 286 -7.96 -0.73 -0.77
CA ARG A 286 -6.83 -0.24 0.03
C ARG A 286 -7.34 0.14 1.40
N ALA A 287 -6.62 -0.30 2.44
CA ALA A 287 -6.98 0.06 3.81
C ALA A 287 -5.76 0.66 4.48
N TYR A 288 -5.88 1.89 4.95
CA TYR A 288 -4.80 2.56 5.68
C TYR A 288 -5.27 2.58 7.12
N VAL A 289 -4.50 1.97 8.03
CA VAL A 289 -4.93 1.93 9.42
C VAL A 289 -3.84 2.44 10.36
N GLU A 290 -4.20 3.37 11.23
CA GLU A 290 -3.28 3.79 12.28
CA GLU A 290 -3.30 3.83 12.28
C GLU A 290 -3.92 3.38 13.59
N THR A 291 -3.21 2.55 14.36
N THR A 291 -3.27 2.44 14.23
CA THR A 291 -3.84 1.73 15.42
CA THR A 291 -3.79 1.89 15.43
C THR A 291 -3.28 1.81 16.86
C THR A 291 -2.96 2.50 16.55
N GLY A 292 -2.66 2.92 17.23
N GLY A 292 -3.04 1.92 17.72
CA GLY A 292 -2.22 3.15 18.61
CA GLY A 292 -2.46 2.55 18.88
C GLY A 292 -0.85 2.59 18.93
C GLY A 292 -0.95 2.40 18.99
N GLY A 293 -0.48 2.61 20.22
CA GLY A 293 0.88 2.29 20.58
C GLY A 293 0.99 1.98 22.07
N LYS A 294 2.14 1.44 22.47
CA LYS A 294 2.48 1.35 23.89
C LYS A 294 3.84 2.04 23.99
N ASP A 295 3.80 3.36 23.99
CA ASP A 295 5.00 4.16 23.74
C ASP A 295 5.85 4.38 24.98
N ALA A 296 7.16 4.19 24.84
CA ALA A 296 8.07 4.34 25.97
C ALA A 296 9.02 5.51 25.79
N ILE A 297 9.37 6.13 26.92
CA ILE A 297 10.50 7.03 26.97
C ILE A 297 11.58 6.34 27.80
N ILE A 298 12.78 6.23 27.24
CA ILE A 298 13.93 5.70 27.95
C ILE A 298 14.71 6.87 28.52
N VAL A 299 15.13 6.76 29.78
CA VAL A 299 16.05 7.75 30.35
C VAL A 299 17.29 7.04 30.93
N ASP A 300 18.48 7.47 30.53
CA ASP A 300 19.71 6.92 31.12
C ASP A 300 20.35 7.91 32.08
N GLU A 301 21.43 7.51 32.72
CA GLU A 301 21.99 8.32 33.80
C GLU A 301 22.73 9.57 33.33
N THR A 302 22.88 9.74 32.03
CA THR A 302 23.57 10.91 31.48
C THR A 302 22.61 12.04 31.17
N ALA A 303 21.31 11.75 31.25
CA ALA A 303 20.29 12.72 30.85
C ALA A 303 20.20 13.93 31.78
N ASP A 304 19.62 15.01 31.27
CA ASP A 304 19.20 16.12 32.10
C ASP A 304 17.90 15.64 32.76
N PHE A 305 17.97 15.31 34.05
CA PHE A 305 16.85 14.65 34.72
C PHE A 305 15.63 15.55 34.85
N ASP A 306 15.86 16.85 35.05
CA ASP A 306 14.76 17.80 35.12
C ASP A 306 14.05 17.93 33.78
N LEU A 307 14.83 18.03 32.71
CA LEU A 307 14.27 18.13 31.38
C LEU A 307 13.48 16.86 31.09
N ALA A 308 14.04 15.72 31.47
CA ALA A 308 13.40 14.44 31.20
C ALA A 308 12.07 14.32 31.96
N ALA A 309 12.09 14.65 33.24
CA ALA A 309 10.88 14.56 34.06
C ALA A 309 9.74 15.41 33.47
N GLU A 310 10.07 16.61 33.01
CA GLU A 310 9.06 17.48 32.42
C GLU A 310 8.48 16.89 31.13
N GLY A 311 9.36 16.36 30.27
CA GLY A 311 8.92 15.78 29.00
C GLY A 311 8.10 14.53 29.21
N VAL A 312 8.46 13.76 30.22
CA VAL A 312 7.70 12.57 30.58
C VAL A 312 6.28 12.93 31.05
N VAL A 313 6.18 13.91 31.92
CA VAL A 313 4.87 14.33 32.44
C VAL A 313 3.98 14.88 31.33
N VAL A 314 4.54 15.74 30.47
CA VAL A 314 3.81 16.21 29.30
C VAL A 314 3.36 15.05 28.40
N SER A 315 4.29 14.15 28.10
CA SER A 315 3.98 13.03 27.21
C SER A 315 2.98 12.05 27.78
N ALA A 316 3.01 11.85 29.10
CA ALA A 316 2.16 10.85 29.75
C ALA A 316 0.76 11.36 30.02
N TYR A 317 0.66 12.64 30.36
CA TYR A 317 -0.59 13.17 30.93
C TYR A 317 -1.30 14.25 30.10
N GLY A 318 -0.66 14.70 29.02
CA GLY A 318 -1.33 15.63 28.12
C GLY A 318 -2.59 15.01 27.55
N PHE A 319 -3.69 15.76 27.58
CA PHE A 319 -5.02 15.23 27.25
C PHE A 319 -5.28 13.90 27.96
N GLN A 320 -4.86 13.83 29.22
CA GLN A 320 -5.18 12.71 30.09
C GLN A 320 -4.64 11.39 29.55
N GLY A 321 -3.56 11.46 28.76
CA GLY A 321 -2.91 10.28 28.23
C GLY A 321 -3.69 9.63 27.10
N GLN A 322 -4.69 10.33 26.59
CA GLN A 322 -5.56 9.80 25.54
C GLN A 322 -4.99 10.10 24.16
N LYS A 323 -3.75 9.65 23.93
CA LYS A 323 -3.09 9.86 22.66
C LYS A 323 -2.41 8.59 22.25
N CYS A 324 -2.43 8.30 20.96
CA CYS A 324 -1.75 7.15 20.40
CA CYS A 324 -1.75 7.13 20.44
C CYS A 324 -0.24 7.26 20.62
N SER A 325 0.22 8.49 20.81
CA SER A 325 1.63 8.83 20.98
C SER A 325 2.06 9.01 22.44
N ALA A 326 1.11 8.90 23.37
CA ALA A 326 1.38 9.19 24.78
C ALA A 326 2.46 8.27 25.38
N ALA A 327 3.31 8.83 26.24
CA ALA A 327 4.22 7.98 26.99
C ALA A 327 3.43 7.20 28.03
N SER A 328 3.28 5.90 27.80
CA SER A 328 2.63 5.04 28.79
C SER A 328 3.64 4.13 29.49
N ARG A 329 4.89 4.13 29.00
CA ARG A 329 5.96 3.40 29.64
C ARG A 329 7.15 4.34 29.89
N LEU A 330 7.75 4.23 31.06
CA LEU A 330 8.95 4.99 31.39
C LEU A 330 10.02 3.99 31.77
N ILE A 331 11.03 3.86 30.91
CA ILE A 331 12.07 2.87 31.10
C ILE A 331 13.32 3.54 31.61
N LEU A 332 13.70 3.21 32.84
CA LEU A 332 14.79 3.89 33.51
C LEU A 332 15.94 2.94 33.78
N THR A 333 17.14 3.29 33.30
CA THR A 333 18.35 2.55 33.66
C THR A 333 18.60 2.71 35.16
N GLN A 334 19.41 1.80 35.73
CA GLN A 334 19.61 1.77 37.17
C GLN A 334 20.08 3.11 37.74
N GLY A 335 21.00 3.76 37.04
CA GLY A 335 21.54 5.05 37.49
C GLY A 335 20.54 6.18 37.38
N ALA A 336 19.58 6.04 36.48
CA ALA A 336 18.57 7.08 36.28
C ALA A 336 17.35 6.89 37.16
N TYR A 337 17.18 5.69 37.73
CA TYR A 337 15.89 5.31 38.33
C TYR A 337 15.38 6.24 39.44
N GLU A 338 16.13 6.34 40.52
CA GLU A 338 15.71 7.21 41.63
C GLU A 338 15.60 8.69 41.26
N PRO A 339 16.64 9.27 40.61
CA PRO A 339 16.56 10.70 40.31
C PRO A 339 15.37 11.06 39.42
N VAL A 340 15.15 10.27 38.37
CA VAL A 340 14.06 10.57 37.45
C VAL A 340 12.68 10.29 38.04
N LEU A 341 12.53 9.14 38.71
CA LEU A 341 11.23 8.78 39.25
C LEU A 341 10.81 9.80 40.32
N GLU A 342 11.77 10.26 41.11
CA GLU A 342 11.47 11.22 42.16
C GLU A 342 10.96 12.50 41.53
N ARG A 343 11.63 12.94 40.47
CA ARG A 343 11.24 14.17 39.77
C ARG A 343 9.88 14.06 39.08
N VAL A 344 9.63 12.91 38.47
CA VAL A 344 8.35 12.66 37.80
C VAL A 344 7.21 12.66 38.82
N LEU A 345 7.41 12.00 39.95
CA LEU A 345 6.40 11.98 41.00
C LEU A 345 6.13 13.39 41.55
N LYS A 346 7.19 14.16 41.77
CA LYS A 346 7.00 15.50 42.32
C LYS A 346 6.25 16.40 41.34
N ARG A 347 6.51 16.23 40.05
CA ARG A 347 5.81 17.01 39.02
C ARG A 347 4.37 16.55 38.86
N ALA A 348 4.17 15.24 38.78
CA ALA A 348 2.85 14.70 38.50
C ALA A 348 1.86 14.91 39.63
N GLU A 349 2.35 14.88 40.87
CA GLU A 349 1.46 15.04 42.02
C GLU A 349 0.91 16.48 42.13
N ARG A 350 1.51 17.40 41.38
CA ARG A 350 1.06 18.79 41.38
C ARG A 350 0.08 19.14 40.26
N LEU A 351 -0.14 18.19 39.36
CA LEU A 351 -1.07 18.39 38.24
C LEU A 351 -2.49 18.57 38.73
N SER A 352 -3.18 19.58 38.18
CA SER A 352 -4.57 19.81 38.55
C SER A 352 -5.50 19.01 37.64
N VAL A 353 -6.64 18.63 38.19
CA VAL A 353 -7.66 17.89 37.46
C VAL A 353 -8.99 18.55 37.71
N GLY A 354 -9.75 18.82 36.64
CA GLY A 354 -11.05 19.45 36.81
C GLY A 354 -11.75 19.62 35.49
N PRO A 355 -12.92 20.28 35.51
CA PRO A 355 -13.64 20.58 34.27
C PRO A 355 -12.72 21.28 33.27
N ALA A 356 -12.78 20.85 32.02
CA ALA A 356 -11.86 21.32 31.02
C ALA A 356 -11.96 22.84 30.78
N GLU A 357 -13.15 23.39 30.96
CA GLU A 357 -13.34 24.83 30.72
C GLU A 357 -12.49 25.70 31.64
N GLU A 358 -12.12 25.15 32.80
CA GLU A 358 -11.30 25.89 33.76
C GLU A 358 -9.82 25.84 33.38
N ASN A 359 -9.50 25.20 32.26
CA ASN A 359 -8.12 25.02 31.82
C ASN A 359 -7.22 24.34 32.86
N PRO A 360 -7.63 23.17 33.35
CA PRO A 360 -6.79 22.44 34.30
C PRO A 360 -5.65 21.75 33.57
N ASP A 361 -4.71 21.16 34.30
CA ASP A 361 -3.69 20.36 33.63
C ASP A 361 -4.31 19.16 32.92
N LEU A 362 -5.27 18.53 33.59
CA LEU A 362 -6.02 17.41 33.01
C LEU A 362 -7.52 17.67 33.16
N GLY A 363 -8.25 17.47 32.07
CA GLY A 363 -9.68 17.40 32.11
C GLY A 363 -10.09 15.98 32.46
N PRO A 364 -11.34 15.61 32.16
CA PRO A 364 -11.86 14.26 32.41
C PRO A 364 -11.45 13.34 31.27
N VAL A 365 -11.55 12.03 31.46
CA VAL A 365 -11.47 11.14 30.30
C VAL A 365 -12.79 11.27 29.55
N VAL A 366 -12.82 10.77 28.32
CA VAL A 366 -13.85 11.21 27.37
C VAL A 366 -15.28 10.69 27.60
N SER A 367 -15.42 9.57 28.30
CA SER A 367 -16.74 8.95 28.44
C SER A 367 -16.76 8.00 29.62
N ALA A 368 -17.96 7.56 29.99
CA ALA A 368 -18.15 6.63 31.10
C ALA A 368 -17.48 5.29 30.78
N GLU A 369 -17.55 4.88 29.51
CA GLU A 369 -16.94 3.63 29.10
C GLU A 369 -15.42 3.70 29.15
N GLN A 370 -14.84 4.82 28.70
CA GLN A 370 -13.41 5.04 28.83
C GLN A 370 -13.00 5.05 30.29
N GLU A 371 -13.80 5.72 31.13
CA GLU A 371 -13.54 5.72 32.56
C GLU A 371 -13.49 4.30 33.12
N ARG A 372 -14.47 3.48 32.75
CA ARG A 372 -14.53 2.11 33.24
C ARG A 372 -13.29 1.32 32.81
N LYS A 373 -12.86 1.51 31.57
CA LYS A 373 -11.69 0.80 31.07
C LYS A 373 -10.41 1.22 31.82
N VAL A 374 -10.20 2.53 31.97
CA VAL A 374 -9.00 3.02 32.64
C VAL A 374 -8.97 2.55 34.09
N LEU A 375 -10.09 2.68 34.80
CA LEU A 375 -10.18 2.20 36.18
C LEU A 375 -9.93 0.69 36.27
N SER A 376 -10.39 -0.03 35.25
CA SER A 376 -10.21 -1.48 35.22
C SER A 376 -8.73 -1.83 35.06
N TYR A 377 -8.04 -1.10 34.21
CA TYR A 377 -6.60 -1.30 34.02
C TYR A 377 -5.82 -0.94 35.29
N ILE A 378 -6.33 0.06 36.02
CA ILE A 378 -5.71 0.44 37.30
C ILE A 378 -5.83 -0.70 38.32
N GLU A 379 -6.98 -1.37 38.36
CA GLU A 379 -7.15 -2.53 39.24
C GLU A 379 -6.21 -3.67 38.85
N ILE A 380 -6.08 -3.89 37.54
CA ILE A 380 -5.16 -4.90 37.02
C ILE A 380 -3.72 -4.55 37.40
N GLY A 381 -3.36 -3.28 37.21
CA GLY A 381 -2.03 -2.80 37.53
C GLY A 381 -1.66 -3.02 38.99
N LYS A 382 -2.67 -2.95 39.87
CA LYS A 382 -2.44 -3.13 41.30
C LYS A 382 -1.92 -4.52 41.67
N ASN A 383 -2.14 -5.48 40.78
CA ASN A 383 -1.68 -6.85 41.01
C ASN A 383 -0.46 -7.18 40.15
N GLU A 384 0.04 -6.18 39.43
CA GLU A 384 1.17 -6.39 38.54
C GLU A 384 2.38 -5.54 38.95
N GLY A 385 2.12 -4.28 39.30
CA GLY A 385 3.17 -3.38 39.72
C GLY A 385 2.85 -2.69 41.03
N GLN A 386 3.68 -1.73 41.43
CA GLN A 386 3.48 -1.02 42.69
C GLN A 386 2.89 0.35 42.43
N LEU A 387 1.67 0.59 42.91
CA LEU A 387 1.04 1.90 42.73
C LEU A 387 1.73 2.90 43.63
N VAL A 388 2.23 3.98 43.05
CA VAL A 388 2.95 4.99 43.83
C VAL A 388 2.38 6.41 43.70
N LEU A 389 1.43 6.60 42.79
CA LEU A 389 0.70 7.88 42.70
C LEU A 389 -0.68 7.69 42.04
N GLY A 390 -1.70 8.34 42.59
CA GLY A 390 -3.01 8.37 41.96
C GLY A 390 -3.75 7.04 42.04
N GLY A 391 -4.29 6.61 40.91
CA GLY A 391 -4.95 5.31 40.81
C GLY A 391 -6.39 5.37 41.29
N LYS A 392 -6.92 6.60 41.37
CA LYS A 392 -8.26 6.80 41.87
C LYS A 392 -9.10 7.69 40.96
N ARG A 393 -10.40 7.43 40.97
CA ARG A 393 -11.40 8.33 40.42
CA ARG A 393 -11.35 8.36 40.38
C ARG A 393 -11.57 9.48 41.41
N LEU A 394 -11.57 10.71 40.94
CA LEU A 394 -11.72 11.85 41.84
C LEU A 394 -13.20 12.18 42.01
N GLU A 395 -13.50 13.10 42.92
CA GLU A 395 -14.87 13.53 43.14
C GLU A 395 -15.35 14.39 41.98
N GLY A 396 -16.65 14.34 41.72
CA GLY A 396 -17.23 15.12 40.64
C GLY A 396 -18.07 14.28 39.71
N GLU A 397 -18.99 14.93 38.99
CA GLU A 397 -19.83 14.23 38.02
C GLU A 397 -19.05 13.89 36.76
N GLY A 398 -18.07 14.72 36.42
CA GLY A 398 -17.19 14.48 35.29
C GLY A 398 -16.30 13.27 35.49
N TYR A 399 -15.77 12.74 34.39
CA TYR A 399 -14.99 11.50 34.46
C TYR A 399 -13.53 11.77 34.83
N PHE A 400 -13.34 12.27 36.05
CA PHE A 400 -12.03 12.73 36.49
C PHE A 400 -11.22 11.61 37.10
N ILE A 401 -10.08 11.33 36.49
CA ILE A 401 -9.16 10.31 36.97
C ILE A 401 -7.82 10.96 37.30
N ALA A 402 -7.27 10.66 38.47
CA ALA A 402 -6.00 11.24 38.90
C ALA A 402 -4.85 10.71 38.06
N PRO A 403 -3.84 11.56 37.81
CA PRO A 403 -2.60 11.06 37.20
C PRO A 403 -2.05 9.89 38.02
N THR A 404 -1.71 8.81 37.33
CA THR A 404 -1.42 7.56 38.00
C THR A 404 -0.04 7.04 37.60
N VAL A 405 0.72 6.55 38.58
CA VAL A 405 2.02 5.95 38.31
C VAL A 405 2.13 4.58 38.99
N PHE A 406 2.54 3.57 38.23
CA PHE A 406 2.94 2.29 38.80
C PHE A 406 4.44 2.15 38.57
N THR A 407 5.15 1.56 39.53
CA THR A 407 6.58 1.30 39.34
C THR A 407 6.94 -0.17 39.57
N GLU A 408 8.20 -0.51 39.30
CA GLU A 408 8.68 -1.90 39.33
C GLU A 408 7.76 -2.82 38.51
N VAL A 409 7.30 -2.30 37.38
CA VAL A 409 6.38 -3.03 36.52
C VAL A 409 7.16 -4.01 35.66
N PRO A 410 6.80 -5.30 35.69
CA PRO A 410 7.39 -6.28 34.77
C PRO A 410 7.06 -5.91 33.32
N PRO A 411 8.07 -5.96 32.44
CA PRO A 411 7.89 -5.61 31.03
C PRO A 411 6.76 -6.38 30.33
N LYS A 412 6.44 -7.59 30.80
CA LYS A 412 5.39 -8.37 30.15
C LYS A 412 4.04 -8.24 30.87
N ALA A 413 3.98 -7.39 31.88
CA ALA A 413 2.73 -7.14 32.58
C ALA A 413 1.71 -6.56 31.61
N ARG A 414 0.43 -6.82 31.86
CA ARG A 414 -0.62 -6.27 31.00
C ARG A 414 -0.54 -4.75 30.90
N ILE A 415 -0.29 -4.08 32.03
CA ILE A 415 -0.18 -2.63 31.98
C ILE A 415 1.07 -2.12 31.27
N ALA A 416 2.01 -3.03 30.98
CA ALA A 416 3.21 -2.67 30.23
C ALA A 416 3.13 -3.11 28.76
N GLN A 417 2.00 -3.69 28.36
CA GLN A 417 1.82 -4.22 27.02
C GLN A 417 0.59 -3.68 26.29
N GLU A 418 -0.48 -3.47 27.04
CA GLU A 418 -1.77 -3.11 26.46
C GLU A 418 -2.03 -1.62 26.54
N GLU A 419 -2.58 -1.05 25.47
CA GLU A 419 -2.84 0.40 25.41
C GLU A 419 -4.02 0.78 26.30
N ILE A 420 -3.74 1.54 27.36
CA ILE A 420 -4.76 1.92 28.33
C ILE A 420 -5.47 3.19 27.88
N PHE A 421 -4.73 4.08 27.24
CA PHE A 421 -5.29 5.32 26.69
C PHE A 421 -5.90 6.17 27.81
N GLY A 422 -5.20 6.24 28.93
CA GLY A 422 -5.64 7.04 30.07
C GLY A 422 -4.42 7.55 30.81
N PRO A 423 -4.62 8.27 31.91
CA PRO A 423 -3.47 8.88 32.56
C PRO A 423 -2.76 7.89 33.48
N VAL A 424 -2.17 6.85 32.88
CA VAL A 424 -1.58 5.76 33.65
C VAL A 424 -0.19 5.47 33.10
N LEU A 425 0.83 5.77 33.91
CA LEU A 425 2.22 5.57 33.49
C LEU A 425 2.81 4.36 34.19
N SER A 426 3.43 3.48 33.41
CA SER A 426 4.09 2.29 33.95
C SER A 426 5.60 2.49 33.91
N VAL A 427 6.24 2.40 35.08
CA VAL A 427 7.68 2.61 35.18
C VAL A 427 8.41 1.29 35.33
N ILE A 428 9.39 1.08 34.46
CA ILE A 428 10.13 -0.17 34.35
C ILE A 428 11.61 0.08 34.59
N ARG A 429 12.21 -0.67 35.49
CA ARG A 429 13.61 -0.47 35.86
C ARG A 429 14.48 -1.50 35.14
N VAL A 430 15.51 -1.01 34.43
CA VAL A 430 16.41 -1.90 33.70
C VAL A 430 17.86 -1.60 34.09
N LYS A 431 18.77 -2.49 33.74
CA LYS A 431 20.16 -2.34 34.17
C LYS A 431 20.86 -1.25 33.38
N ASP A 432 20.78 -1.33 32.06
CA ASP A 432 21.52 -0.42 31.20
C ASP A 432 20.76 -0.07 29.92
N PHE A 433 21.41 0.70 29.05
CA PHE A 433 20.75 1.20 27.84
C PHE A 433 20.39 0.07 26.89
N ALA A 434 21.25 -0.94 26.81
CA ALA A 434 20.97 -2.09 25.95
C ALA A 434 19.68 -2.78 26.38
N GLU A 435 19.53 -3.02 27.68
CA GLU A 435 18.32 -3.62 28.20
C GLU A 435 17.12 -2.70 28.01
N ALA A 436 17.34 -1.39 28.16
CA ALA A 436 16.27 -0.42 27.91
C ALA A 436 15.69 -0.56 26.50
N LEU A 437 16.57 -0.71 25.52
CA LEU A 437 16.14 -0.89 24.13
C LEU A 437 15.38 -2.20 23.91
N GLU A 438 15.85 -3.26 24.55
CA GLU A 438 15.17 -4.56 24.45
C GLU A 438 13.75 -4.45 24.99
N VAL A 439 13.61 -3.86 26.18
CA VAL A 439 12.29 -3.65 26.78
C VAL A 439 11.42 -2.72 25.93
N ALA A 440 12.03 -1.65 25.41
CA ALA A 440 11.29 -0.71 24.56
C ALA A 440 10.66 -1.41 23.35
N ASN A 441 11.44 -2.29 22.73
CA ASN A 441 11.00 -2.99 21.52
C ASN A 441 10.06 -4.16 21.77
N ASP A 442 10.04 -4.69 22.99
CA ASP A 442 9.27 -5.90 23.25
C ASP A 442 7.82 -5.61 23.59
N THR A 443 7.11 -5.00 22.64
CA THR A 443 5.65 -4.90 22.65
C THR A 443 5.17 -5.19 21.23
N PRO A 444 3.86 -5.37 21.04
CA PRO A 444 3.37 -5.58 19.66
C PRO A 444 3.38 -4.30 18.83
N TYR A 445 3.70 -3.16 19.45
CA TYR A 445 3.52 -1.87 18.82
C TYR A 445 4.84 -1.23 18.37
N GLY A 446 4.74 -0.05 17.76
CA GLY A 446 5.91 0.65 17.26
C GLY A 446 5.60 2.03 16.73
N LEU A 447 4.91 2.83 17.54
CA LEU A 447 4.46 4.15 17.08
C LEU A 447 5.41 5.27 17.46
N THR A 448 5.39 5.69 18.73
CA THR A 448 6.35 6.69 19.18
C THR A 448 7.27 6.16 20.27
N GLY A 449 8.40 6.82 20.43
CA GLY A 449 9.33 6.47 21.49
C GLY A 449 10.22 7.66 21.72
N GLY A 450 10.81 7.75 22.91
CA GLY A 450 11.76 8.79 23.17
C GLY A 450 12.97 8.31 23.96
N VAL A 451 14.04 9.09 23.87
CA VAL A 451 15.23 8.85 24.68
C VAL A 451 15.70 10.17 25.24
N TYR A 452 15.83 10.25 26.55
CA TYR A 452 16.57 11.33 27.18
C TYR A 452 17.96 10.82 27.55
N SER A 453 18.96 11.43 26.93
CA SER A 453 20.36 11.03 27.12
C SER A 453 21.24 12.13 26.54
N ARG A 454 22.39 12.36 27.17
CA ARG A 454 23.41 13.24 26.61
C ARG A 454 24.47 12.45 25.86
N LYS A 455 24.42 11.12 25.97
CA LYS A 455 25.45 10.30 25.34
C LYS A 455 25.14 10.08 23.86
N ARG A 456 25.99 10.66 23.00
CA ARG A 456 25.72 10.67 21.56
C ARG A 456 25.59 9.25 21.02
N GLU A 457 26.41 8.35 21.57
CA GLU A 457 26.42 6.96 21.08
C GLU A 457 25.12 6.23 21.42
N HIS A 458 24.51 6.60 22.54
CA HIS A 458 23.22 6.00 22.91
C HIS A 458 22.12 6.51 21.99
N LEU A 459 22.17 7.80 21.65
CA LEU A 459 21.20 8.34 20.71
C LEU A 459 21.33 7.68 19.34
N GLU A 460 22.56 7.49 18.87
CA GLU A 460 22.79 6.85 17.58
C GLU A 460 22.30 5.41 17.60
N TRP A 461 22.57 4.73 18.71
CA TRP A 461 22.10 3.38 18.96
C TRP A 461 20.56 3.33 18.84
N ALA A 462 19.88 4.23 19.52
CA ALA A 462 18.42 4.29 19.45
C ALA A 462 17.92 4.59 18.04
N ARG A 463 18.63 5.48 17.33
CA ARG A 463 18.25 5.84 15.97
C ARG A 463 18.16 4.61 15.10
N ARG A 464 19.07 3.66 15.33
CA ARG A 464 19.13 2.42 14.57
C ARG A 464 18.22 1.32 15.11
N GLU A 465 18.09 1.24 16.43
CA GLU A 465 17.52 0.05 17.08
C GLU A 465 16.16 0.22 17.77
N PHE A 466 15.78 1.45 18.10
CA PHE A 466 14.53 1.69 18.83
C PHE A 466 13.47 1.70 17.73
N HIS A 467 12.74 0.59 17.60
CA HIS A 467 11.90 0.38 16.43
C HIS A 467 10.52 1.02 16.53
N VAL A 468 10.48 2.33 16.34
CA VAL A 468 9.25 3.10 16.33
C VAL A 468 9.27 4.02 15.12
N GLY A 469 8.09 4.35 14.59
CA GLY A 469 7.99 5.22 13.45
C GLY A 469 8.33 6.67 13.70
N ASN A 470 8.14 7.11 14.95
CA ASN A 470 8.44 8.48 15.36
C ASN A 470 9.23 8.47 16.65
N LEU A 471 10.51 8.78 16.53
CA LEU A 471 11.46 8.68 17.62
C LEU A 471 11.96 10.08 17.99
N TYR A 472 12.02 10.38 19.27
CA TYR A 472 12.35 11.73 19.72
C TYR A 472 13.47 11.70 20.73
N PHE A 473 14.43 12.60 20.59
CA PHE A 473 15.55 12.68 21.51
C PHE A 473 15.47 13.98 22.32
N ASN A 474 15.45 13.82 23.63
CA ASN A 474 15.49 14.95 24.57
C ASN A 474 14.34 15.95 24.44
N ARG A 475 13.16 15.41 24.16
CA ARG A 475 11.94 16.19 24.09
C ARG A 475 10.74 15.26 24.18
N LYS A 476 9.55 15.84 24.30
CA LYS A 476 8.32 15.07 24.44
C LYS A 476 8.08 14.20 23.20
N ILE A 477 7.34 13.12 23.37
CA ILE A 477 7.12 12.20 22.25
C ILE A 477 5.73 12.34 21.64
N THR A 478 4.97 13.31 22.14
CA THR A 478 3.67 13.64 21.57
C THR A 478 3.75 14.89 20.70
N GLY A 479 2.66 15.19 20.01
CA GLY A 479 2.56 16.45 19.27
C GLY A 479 3.40 16.56 18.01
N ALA A 480 3.51 15.46 17.26
CA ALA A 480 4.15 15.49 15.95
C ALA A 480 3.54 16.61 15.13
N LEU A 481 4.41 17.44 14.54
CA LEU A 481 3.94 18.56 13.73
C LEU A 481 3.85 18.18 12.26
N VAL A 482 2.73 18.54 11.64
CA VAL A 482 2.54 18.34 10.22
C VAL A 482 3.72 18.89 9.44
N GLY A 483 4.25 18.09 8.51
CA GLY A 483 5.37 18.52 7.69
C GLY A 483 6.74 18.28 8.29
N VAL A 484 6.83 18.45 9.60
CA VAL A 484 8.12 18.33 10.29
C VAL A 484 8.43 16.87 10.63
N GLN A 485 7.47 16.19 11.22
CA GLN A 485 7.63 14.80 11.62
C GLN A 485 6.54 13.97 10.98
N PRO A 486 6.81 13.41 9.78
CA PRO A 486 5.87 12.46 9.17
C PRO A 486 5.41 11.46 10.22
N PHE A 487 4.10 11.30 10.40
CA PHE A 487 3.61 10.57 11.56
C PHE A 487 2.95 9.23 11.22
N GLY A 488 3.45 8.18 11.84
CA GLY A 488 2.93 6.84 11.59
C GLY A 488 3.91 5.80 12.04
N GLY A 489 3.43 4.61 12.34
CA GLY A 489 4.25 3.66 13.05
C GLY A 489 4.55 2.36 12.34
N PHE A 490 5.11 1.44 13.12
CA PHE A 490 5.50 0.12 12.63
C PHE A 490 4.68 -0.93 13.36
N LYS A 491 4.77 -2.17 12.92
CA LYS A 491 4.19 -3.28 13.67
C LYS A 491 2.68 -3.11 13.87
N LEU A 492 2.17 -3.43 15.04
CA LEU A 492 0.73 -3.31 15.24
C LEU A 492 0.24 -1.88 15.53
N SER A 493 1.11 -0.90 15.31
CA SER A 493 0.70 0.51 15.32
C SER A 493 0.12 0.92 13.95
N GLY A 494 0.15 0.02 12.99
CA GLY A 494 -0.56 0.27 11.74
C GLY A 494 0.24 0.06 10.48
N THR A 495 -0.20 0.71 9.41
CA THR A 495 0.34 0.47 8.09
C THR A 495 1.41 1.47 7.65
N ASN A 496 1.87 2.31 8.58
CA ASN A 496 2.92 3.29 8.29
C ASN A 496 2.47 4.31 7.26
N ALA A 497 1.19 4.67 7.30
CA ALA A 497 0.72 5.76 6.44
C ALA A 497 1.15 7.05 7.09
N LYS A 498 2.20 7.67 6.55
CA LYS A 498 2.80 8.83 7.20
C LYS A 498 1.99 10.08 6.97
N THR A 499 1.20 10.50 7.96
CA THR A 499 0.42 11.71 7.83
C THR A 499 1.33 12.95 7.84
N GLY A 500 0.87 14.03 7.24
CA GLY A 500 1.64 15.27 7.19
C GLY A 500 2.94 15.13 6.43
N ALA A 501 2.94 14.28 5.42
CA ALA A 501 4.11 14.00 4.61
C ALA A 501 3.67 13.84 3.16
N LEU A 502 4.58 14.14 2.23
CA LEU A 502 4.27 13.99 0.81
C LEU A 502 3.78 12.58 0.49
N ASP A 503 4.37 11.58 1.12
CA ASP A 503 4.05 10.17 0.87
C ASP A 503 2.61 9.83 1.17
N TYR A 504 1.95 10.62 2.02
CA TYR A 504 0.57 10.31 2.39
C TYR A 504 -0.35 10.29 1.19
N LEU A 505 -0.21 11.28 0.31
CA LEU A 505 -1.15 11.43 -0.78
C LEU A 505 -1.01 10.33 -1.82
N ARG A 506 0.19 9.76 -1.93
CA ARG A 506 0.44 8.68 -2.88
C ARG A 506 -0.45 7.46 -2.60
N LEU A 507 -0.82 7.28 -1.35
CA LEU A 507 -1.71 6.20 -0.93
C LEU A 507 -3.08 6.26 -1.59
N PHE A 508 -3.48 7.46 -2.01
CA PHE A 508 -4.82 7.67 -2.55
C PHE A 508 -4.82 7.88 -4.07
N LEU A 509 -3.76 7.39 -4.72
CA LEU A 509 -3.59 7.51 -6.18
C LEU A 509 -3.21 6.18 -6.79
N GLU A 510 -3.58 5.99 -8.06
CA GLU A 510 -3.03 4.88 -8.84
C GLU A 510 -2.39 5.48 -10.10
N MET A 511 -1.55 4.71 -10.78
CA MET A 511 -0.81 5.25 -11.91
C MET A 511 -1.27 4.65 -13.23
N LYS A 512 -1.39 5.50 -14.24
CA LYS A 512 -1.71 5.07 -15.60
C LYS A 512 -0.54 5.41 -16.52
N ALA A 513 -0.20 4.49 -17.41
CA ALA A 513 0.87 4.70 -18.39
C ALA A 513 0.29 4.61 -19.79
N VAL A 514 0.47 5.66 -20.57
CA VAL A 514 -0.09 5.71 -21.92
C VAL A 514 1.03 5.90 -22.94
N ALA A 515 1.08 5.01 -23.92
CA ALA A 515 2.14 5.03 -24.92
C ALA A 515 1.55 5.21 -26.31
N GLU A 516 2.02 6.22 -27.04
CA GLU A 516 1.65 6.34 -28.45
C GLU A 516 2.86 6.11 -29.36
N ARG A 517 2.72 5.20 -30.31
CA ARG A 517 3.74 5.01 -31.35
C ARG A 517 3.33 5.84 -32.55
N PHE A 518 4.20 6.77 -32.94
CA PHE A 518 3.88 7.69 -34.04
C PHE A 518 4.07 7.11 -35.41
N MET B 3 25.67 10.39 -10.65
CA MET B 3 25.54 8.96 -10.93
C MET B 3 26.90 8.31 -11.14
N THR B 4 27.00 7.04 -10.75
CA THR B 4 28.25 6.32 -10.74
C THR B 4 28.33 5.28 -11.86
N VAL B 5 27.22 5.07 -12.54
CA VAL B 5 27.13 4.12 -13.64
C VAL B 5 26.44 4.82 -14.81
N GLU B 6 26.55 4.24 -16.01
CA GLU B 6 25.93 4.80 -17.20
C GLU B 6 24.42 4.87 -17.03
N PRO B 7 23.78 5.87 -17.66
CA PRO B 7 22.31 5.93 -17.59
C PRO B 7 21.69 4.63 -18.09
N PHE B 8 20.58 4.25 -17.46
CA PHE B 8 19.84 3.06 -17.87
C PHE B 8 19.43 3.13 -19.33
N ARG B 9 19.60 2.02 -20.03
CA ARG B 9 19.04 1.81 -21.35
C ARG B 9 18.49 0.38 -21.34
N ASN B 10 17.44 0.13 -22.11
CA ASN B 10 16.91 -1.22 -22.21
C ASN B 10 17.86 -2.14 -22.96
N GLU B 11 17.99 -3.38 -22.48
CA GLU B 11 18.83 -4.38 -23.14
C GLU B 11 18.23 -4.71 -24.50
N PRO B 12 19.08 -4.76 -25.54
CA PRO B 12 18.55 -5.11 -26.85
C PRO B 12 17.91 -6.49 -26.88
N ILE B 13 16.82 -6.61 -27.63
CA ILE B 13 16.15 -7.90 -27.82
C ILE B 13 16.67 -8.48 -29.12
N GLU B 14 17.23 -9.68 -29.05
CA GLU B 14 17.87 -10.28 -30.21
C GLU B 14 16.81 -10.71 -31.23
N THR B 15 17.04 -10.39 -32.51
CA THR B 15 16.12 -10.76 -33.58
C THR B 15 16.60 -11.97 -34.38
N PHE B 16 17.85 -12.37 -34.16
CA PHE B 16 18.45 -13.52 -34.85
C PHE B 16 18.44 -13.36 -36.38
N GLN B 17 18.68 -12.14 -36.84
CA GLN B 17 18.73 -11.87 -38.27
C GLN B 17 20.14 -12.08 -38.83
N THR B 18 21.12 -12.21 -37.94
CA THR B 18 22.49 -12.46 -38.36
C THR B 18 22.85 -13.94 -38.19
N GLU B 19 23.81 -14.40 -38.99
CA GLU B 19 24.27 -15.78 -38.88
C GLU B 19 24.89 -16.05 -37.52
N GLU B 20 25.65 -15.09 -37.00
CA GLU B 20 26.31 -15.28 -35.71
C GLU B 20 25.31 -15.46 -34.56
N ALA B 21 24.22 -14.71 -34.61
CA ALA B 21 23.20 -14.84 -33.57
C ALA B 21 22.49 -16.20 -33.68
N ARG B 22 22.27 -16.67 -34.90
CA ARG B 22 21.65 -17.99 -35.09
C ARG B 22 22.58 -19.11 -34.62
N ARG B 23 23.86 -19.02 -35.00
CA ARG B 23 24.87 -19.98 -34.55
C ARG B 23 24.95 -20.03 -33.03
N ALA B 24 24.97 -18.85 -32.42
CA ALA B 24 25.07 -18.77 -30.96
C ALA B 24 23.85 -19.40 -30.28
N MET B 25 22.66 -19.19 -30.84
CA MET B 25 21.47 -19.82 -30.29
C MET B 25 21.51 -21.35 -30.46
N ARG B 26 21.88 -21.83 -31.64
CA ARG B 26 21.99 -23.27 -31.85
C ARG B 26 22.96 -23.88 -30.85
N GLU B 27 24.08 -23.20 -30.60
CA GLU B 27 25.06 -23.68 -29.63
C GLU B 27 24.46 -23.75 -28.21
N ALA B 28 23.69 -22.73 -27.85
CA ALA B 28 23.05 -22.67 -26.54
C ALA B 28 22.00 -23.78 -26.40
N LEU B 29 21.20 -23.97 -27.44
CA LEU B 29 20.20 -25.04 -27.44
C LEU B 29 20.85 -26.39 -27.21
N ARG B 30 21.98 -26.62 -27.89
CA ARG B 30 22.73 -27.85 -27.74
C ARG B 30 23.22 -28.03 -26.30
N ARG B 31 23.81 -26.98 -25.73
CA ARG B 31 24.36 -27.10 -24.38
C ARG B 31 23.25 -27.38 -23.37
N VAL B 32 22.11 -26.72 -23.56
CA VAL B 32 21.01 -26.86 -22.63
C VAL B 32 20.42 -28.27 -22.67
N ARG B 33 20.23 -28.82 -23.87
CA ARG B 33 19.64 -30.14 -23.95
C ARG B 33 20.59 -31.25 -23.49
N GLU B 34 21.89 -31.00 -23.64
CA GLU B 34 22.88 -31.93 -23.13
C GLU B 34 22.82 -32.00 -21.61
N GLU B 35 22.24 -30.97 -20.99
CA GLU B 35 22.11 -30.89 -19.54
C GLU B 35 20.70 -31.21 -19.03
N PHE B 36 19.87 -31.81 -19.89
CA PHE B 36 18.50 -32.19 -19.49
C PHE B 36 18.45 -33.13 -18.28
N GLY B 37 19.51 -33.90 -18.07
CA GLY B 37 19.55 -34.83 -16.96
C GLY B 37 19.86 -34.20 -15.60
N ARG B 38 20.11 -32.90 -15.57
CA ARG B 38 20.55 -32.23 -14.36
C ARG B 38 19.48 -32.14 -13.28
N HIS B 39 19.93 -32.21 -12.02
CA HIS B 39 19.06 -32.02 -10.88
C HIS B 39 19.46 -30.75 -10.14
N TYR B 40 18.49 -29.92 -9.79
CA TYR B 40 18.77 -28.66 -9.12
C TYR B 40 18.15 -28.67 -7.73
N PRO B 41 18.98 -28.53 -6.68
CA PRO B 41 18.43 -28.52 -5.32
C PRO B 41 17.72 -27.20 -4.99
N LEU B 42 17.19 -27.12 -3.78
CA LEU B 42 16.71 -25.87 -3.24
C LEU B 42 17.91 -24.98 -2.95
N TYR B 43 17.69 -23.68 -2.77
CA TYR B 43 18.77 -22.81 -2.33
C TYR B 43 18.29 -22.09 -1.08
N ILE B 44 18.91 -22.43 0.06
CA ILE B 44 18.53 -21.86 1.35
C ILE B 44 19.78 -21.48 2.14
N GLY B 45 19.82 -20.25 2.65
CA GLY B 45 20.91 -19.83 3.49
C GLY B 45 22.27 -19.96 2.83
N GLY B 46 22.33 -19.63 1.54
CA GLY B 46 23.58 -19.59 0.82
C GLY B 46 24.08 -20.94 0.32
N GLU B 47 23.27 -21.98 0.47
CA GLU B 47 23.70 -23.29 -0.01
C GLU B 47 22.62 -24.07 -0.76
N TRP B 48 23.06 -24.93 -1.67
CA TRP B 48 22.15 -25.84 -2.35
C TRP B 48 21.81 -26.99 -1.40
N VAL B 49 20.51 -27.16 -1.16
CA VAL B 49 20.01 -28.12 -0.19
C VAL B 49 19.06 -29.06 -0.92
N ASP B 50 19.39 -30.35 -0.95
CA ASP B 50 18.55 -31.32 -1.64
C ASP B 50 17.44 -31.85 -0.75
N THR B 51 16.46 -32.52 -1.35
CA THR B 51 15.39 -33.16 -0.61
C THR B 51 15.24 -34.58 -1.14
N LYS B 52 14.52 -35.42 -0.40
CA LYS B 52 14.25 -36.78 -0.85
C LYS B 52 13.31 -36.81 -2.04
N GLU B 53 12.25 -36.00 -1.99
CA GLU B 53 11.29 -35.94 -3.09
C GLU B 53 11.76 -34.98 -4.17
N ARG B 54 11.31 -35.20 -5.40
CA ARG B 54 11.75 -34.38 -6.53
C ARG B 54 10.59 -33.88 -7.38
N MET B 55 10.84 -32.83 -8.15
CA MET B 55 9.88 -32.36 -9.13
C MET B 55 10.44 -32.51 -10.52
N VAL B 56 9.59 -32.84 -11.47
CA VAL B 56 10.04 -33.04 -12.84
C VAL B 56 9.56 -31.87 -13.69
N SER B 57 10.42 -31.41 -14.59
CA SER B 57 10.02 -30.36 -15.54
C SER B 57 10.08 -30.95 -16.93
N LEU B 58 9.01 -30.73 -17.70
CA LEU B 58 8.86 -31.31 -19.03
C LEU B 58 8.99 -30.26 -20.11
N ASN B 59 9.37 -30.72 -21.30
CA ASN B 59 9.40 -29.90 -22.50
C ASN B 59 8.00 -29.89 -23.08
N PRO B 60 7.32 -28.72 -23.10
CA PRO B 60 5.94 -28.74 -23.60
C PRO B 60 5.84 -28.99 -25.10
N SER B 61 6.96 -28.89 -25.80
CA SER B 61 6.98 -29.24 -27.22
C SER B 61 7.19 -30.72 -27.42
N ALA B 62 7.57 -31.41 -26.34
CA ALA B 62 7.79 -32.85 -26.38
C ALA B 62 7.72 -33.40 -24.96
N PRO B 63 6.51 -33.52 -24.42
CA PRO B 63 6.35 -33.73 -22.97
C PRO B 63 6.84 -35.07 -22.43
N SER B 64 7.21 -36.01 -23.29
CA SER B 64 7.88 -37.21 -22.83
C SER B 64 9.35 -36.95 -22.52
N GLU B 65 9.81 -35.75 -22.87
CA GLU B 65 11.19 -35.37 -22.65
C GLU B 65 11.31 -34.52 -21.40
N VAL B 66 12.11 -34.99 -20.45
CA VAL B 66 12.40 -34.29 -19.20
C VAL B 66 13.53 -33.28 -19.41
N VAL B 67 13.31 -32.03 -18.99
CA VAL B 67 14.33 -30.99 -19.18
C VAL B 67 15.15 -30.76 -17.93
N GLY B 68 14.73 -31.40 -16.83
CA GLY B 68 15.45 -31.28 -15.57
C GLY B 68 14.57 -31.70 -14.40
N THR B 69 15.19 -31.95 -13.27
CA THR B 69 14.44 -32.19 -12.04
C THR B 69 14.93 -31.23 -10.97
N THR B 70 14.07 -30.94 -10.00
CA THR B 70 14.49 -30.12 -8.87
C THR B 70 14.12 -30.79 -7.56
N ALA B 71 14.68 -30.28 -6.47
CA ALA B 71 14.25 -30.68 -5.15
C ALA B 71 12.83 -30.16 -4.95
N LYS B 72 12.17 -30.63 -3.90
CA LYS B 72 10.81 -30.21 -3.64
C LYS B 72 10.67 -29.72 -2.20
N ALA B 73 10.40 -28.44 -2.05
CA ALA B 73 10.29 -27.84 -0.72
C ALA B 73 8.99 -28.21 -0.04
N GLY B 74 9.07 -28.40 1.28
CA GLY B 74 7.89 -28.62 2.10
C GLY B 74 7.87 -27.58 3.20
N LYS B 75 7.04 -27.78 4.21
CA LYS B 75 6.92 -26.82 5.30
C LYS B 75 8.21 -26.66 6.08
N ALA B 76 8.92 -27.77 6.30
CA ALA B 76 10.17 -27.73 7.04
C ALA B 76 11.19 -26.84 6.31
N GLU B 77 11.23 -26.96 4.99
CA GLU B 77 12.15 -26.14 4.21
C GLU B 77 11.72 -24.68 4.15
N ALA B 78 10.42 -24.44 4.10
CA ALA B 78 9.88 -23.10 4.13
C ALA B 78 10.23 -22.42 5.45
N GLU B 79 10.12 -23.18 6.53
CA GLU B 79 10.46 -22.70 7.86
C GLU B 79 11.95 -22.38 7.94
N ALA B 80 12.79 -23.26 7.40
CA ALA B 80 14.23 -23.02 7.39
C ALA B 80 14.61 -21.81 6.55
N ALA B 81 13.88 -21.60 5.45
CA ALA B 81 14.14 -20.45 4.59
C ALA B 81 13.76 -19.15 5.31
N LEU B 82 12.67 -19.17 6.06
CA LEU B 82 12.26 -17.98 6.82
C LEU B 82 13.29 -17.62 7.89
N GLU B 83 13.78 -18.64 8.60
CA GLU B 83 14.83 -18.42 9.59
C GLU B 83 16.07 -17.81 8.94
N ALA B 84 16.50 -18.39 7.83
CA ALA B 84 17.66 -17.88 7.11
C ALA B 84 17.47 -16.45 6.61
N ALA B 85 16.28 -16.16 6.09
CA ALA B 85 15.99 -14.85 5.53
C ALA B 85 15.98 -13.78 6.61
N TRP B 86 15.39 -14.10 7.76
CA TRP B 86 15.38 -13.12 8.85
C TRP B 86 16.77 -12.91 9.43
N LYS B 87 17.55 -13.99 9.55
CA LYS B 87 18.92 -13.86 10.04
C LYS B 87 19.73 -12.97 9.08
N ALA B 88 19.57 -13.20 7.78
CA ALA B 88 20.26 -12.38 6.79
C ALA B 88 19.83 -10.92 6.86
N PHE B 89 18.54 -10.69 7.06
CA PHE B 89 18.00 -9.34 7.06
C PHE B 89 18.68 -8.45 8.09
N LYS B 90 19.02 -9.03 9.23
CA LYS B 90 19.64 -8.30 10.35
C LYS B 90 20.84 -7.47 9.91
N THR B 91 21.63 -7.99 8.98
CA THR B 91 22.77 -7.24 8.46
C THR B 91 22.56 -6.69 7.05
N TRP B 92 21.82 -7.40 6.22
CA TRP B 92 21.59 -6.95 4.83
C TRP B 92 20.94 -5.56 4.80
N LYS B 93 20.06 -5.29 5.77
CA LYS B 93 19.36 -4.02 5.86
C LYS B 93 20.32 -2.86 6.06
N ASP B 94 21.50 -3.15 6.60
CA ASP B 94 22.44 -2.10 6.95
C ASP B 94 23.59 -1.95 5.97
N TRP B 95 23.59 -2.73 4.88
CA TRP B 95 24.55 -2.51 3.81
C TRP B 95 24.28 -1.13 3.22
N PRO B 96 25.35 -0.39 2.88
CA PRO B 96 25.15 0.87 2.17
C PRO B 96 24.43 0.57 0.86
N GLN B 97 23.53 1.44 0.45
CA GLN B 97 22.76 1.17 -0.78
C GLN B 97 23.66 0.94 -1.99
N GLU B 98 24.75 1.68 -2.08
CA GLU B 98 25.62 1.51 -3.24
C GLU B 98 26.20 0.11 -3.32
N ASP B 99 26.39 -0.54 -2.17
CA ASP B 99 26.94 -1.88 -2.14
C ASP B 99 25.87 -2.92 -2.50
N ARG B 100 24.63 -2.70 -2.05
CA ARG B 100 23.53 -3.57 -2.49
C ARG B 100 23.32 -3.42 -3.99
N SER B 101 23.33 -2.18 -4.47
CA SER B 101 23.14 -1.92 -5.89
C SER B 101 24.27 -2.49 -6.74
N ALA B 102 25.50 -2.44 -6.25
CA ALA B 102 26.63 -3.03 -6.97
C ALA B 102 26.46 -4.54 -7.09
N LEU B 103 25.90 -5.16 -6.03
CA LEU B 103 25.63 -6.59 -6.09
C LEU B 103 24.63 -6.92 -7.19
N LEU B 104 23.58 -6.12 -7.30
CA LEU B 104 22.62 -6.28 -8.38
C LEU B 104 23.32 -6.14 -9.73
N LEU B 105 24.14 -5.09 -9.87
CA LEU B 105 24.82 -4.88 -11.15
C LEU B 105 25.73 -6.05 -11.52
N LYS B 106 26.39 -6.65 -10.52
CA LYS B 106 27.17 -7.86 -10.78
C LYS B 106 26.26 -8.97 -11.30
N ALA B 107 25.12 -9.16 -10.64
CA ALA B 107 24.16 -10.17 -11.09
C ALA B 107 23.68 -9.92 -12.52
N ALA B 108 23.41 -8.66 -12.86
CA ALA B 108 23.03 -8.34 -14.24
C ALA B 108 24.12 -8.68 -15.24
N ALA B 109 25.38 -8.41 -14.88
CA ALA B 109 26.50 -8.69 -15.79
C ALA B 109 26.66 -10.19 -16.02
N LEU B 110 26.48 -10.97 -14.97
CA LEU B 110 26.55 -12.42 -15.07
C LEU B 110 25.39 -12.95 -15.90
N MET B 111 24.19 -12.41 -15.68
CA MET B 111 23.01 -12.83 -16.45
C MET B 111 23.19 -12.52 -17.93
N ARG B 112 23.73 -11.33 -18.21
CA ARG B 112 23.96 -10.92 -19.59
C ARG B 112 24.93 -11.88 -20.29
N ARG B 113 25.95 -12.34 -19.56
CA ARG B 113 26.91 -13.26 -20.14
C ARG B 113 26.37 -14.66 -20.37
N ARG B 114 25.25 -14.97 -19.74
CA ARG B 114 24.60 -16.28 -19.88
C ARG B 114 23.27 -16.18 -20.61
N LYS B 115 23.06 -15.09 -21.34
CA LYS B 115 21.72 -14.84 -21.89
C LYS B 115 21.24 -15.90 -22.87
N ARG B 116 22.12 -16.39 -23.73
CA ARG B 116 21.74 -17.39 -24.72
C ARG B 116 21.33 -18.69 -24.03
N GLU B 117 22.05 -19.05 -22.99
CA GLU B 117 21.74 -20.25 -22.21
C GLU B 117 20.36 -20.11 -21.57
N LEU B 118 20.08 -18.96 -20.98
CA LEU B 118 18.79 -18.72 -20.37
C LEU B 118 17.67 -18.72 -21.42
N GLU B 119 17.93 -18.09 -22.57
CA GLU B 119 16.96 -18.08 -23.66
C GLU B 119 16.64 -19.50 -24.11
N ALA B 120 17.68 -20.30 -24.35
CA ALA B 120 17.50 -21.68 -24.75
C ALA B 120 16.73 -22.49 -23.70
N THR B 121 16.95 -22.21 -22.42
CA THR B 121 16.23 -22.90 -21.36
C THR B 121 14.74 -22.53 -21.40
N LEU B 122 14.44 -21.26 -21.65
CA LEU B 122 13.05 -20.82 -21.85
C LEU B 122 12.40 -21.55 -23.02
N VAL B 123 13.13 -21.67 -24.13
CA VAL B 123 12.62 -22.37 -25.30
C VAL B 123 12.17 -23.78 -24.93
N TYR B 124 13.08 -24.53 -24.31
CA TYR B 124 12.80 -25.92 -24.00
C TYR B 124 11.86 -26.15 -22.80
N GLU B 125 11.93 -25.30 -21.77
CA GLU B 125 11.15 -25.55 -20.56
C GLU B 125 9.73 -24.99 -20.62
N VAL B 126 9.55 -23.83 -21.23
CA VAL B 126 8.21 -23.24 -21.29
C VAL B 126 7.66 -22.95 -22.69
N GLY B 127 8.39 -23.38 -23.72
CA GLY B 127 7.86 -23.29 -25.07
C GLY B 127 7.82 -21.92 -25.71
N LYS B 128 8.76 -21.05 -25.32
CA LYS B 128 8.92 -19.77 -25.98
C LYS B 128 9.68 -19.93 -27.28
N ASN B 129 9.25 -19.23 -28.32
CA ASN B 129 10.07 -19.19 -29.53
C ASN B 129 11.29 -18.30 -29.24
N TRP B 130 12.16 -18.10 -30.23
CA TRP B 130 13.46 -17.50 -29.96
C TRP B 130 13.37 -16.05 -29.51
N VAL B 131 12.53 -15.25 -30.18
CA VAL B 131 12.44 -13.84 -29.85
C VAL B 131 11.68 -13.62 -28.54
N GLU B 132 10.67 -14.44 -28.29
CA GLU B 132 9.97 -14.36 -27.00
C GLU B 132 10.93 -14.67 -25.86
N ALA B 133 11.80 -15.66 -26.07
CA ALA B 133 12.80 -16.03 -25.07
C ALA B 133 13.77 -14.88 -24.87
N SER B 134 14.24 -14.27 -25.97
CA SER B 134 15.20 -13.20 -25.87
C SER B 134 14.60 -12.00 -25.15
N ALA B 135 13.33 -11.71 -25.44
CA ALA B 135 12.67 -10.56 -24.80
C ALA B 135 12.56 -10.76 -23.30
N ASP B 136 12.31 -12.00 -22.90
CA ASP B 136 12.13 -12.36 -21.49
C ASP B 136 13.44 -12.12 -20.74
N VAL B 137 14.53 -12.71 -21.23
CA VAL B 137 15.83 -12.54 -20.59
C VAL B 137 16.27 -11.08 -20.59
N ALA B 138 16.00 -10.37 -21.69
CA ALA B 138 16.35 -8.96 -21.76
C ALA B 138 15.61 -8.15 -20.71
N GLU B 139 14.33 -8.44 -20.51
CA GLU B 139 13.52 -7.80 -19.48
C GLU B 139 14.04 -8.09 -18.07
N ALA B 140 14.49 -9.32 -17.84
CA ALA B 140 15.08 -9.70 -16.55
C ALA B 140 16.32 -8.85 -16.27
N ILE B 141 17.18 -8.73 -17.27
CA ILE B 141 18.39 -7.92 -17.11
C ILE B 141 17.99 -6.47 -16.86
N ASP B 142 16.98 -6.00 -17.59
CA ASP B 142 16.46 -4.65 -17.37
C ASP B 142 15.99 -4.42 -15.94
N PHE B 143 15.26 -5.39 -15.36
CA PHE B 143 14.77 -5.19 -14.00
C PHE B 143 15.94 -5.02 -13.04
N ILE B 144 16.99 -5.82 -13.21
CA ILE B 144 18.13 -5.72 -12.33
C ILE B 144 18.84 -4.38 -12.48
N GLU B 145 19.11 -3.99 -13.72
CA GLU B 145 19.79 -2.73 -14.01
C GLU B 145 18.97 -1.54 -13.53
N TYR B 146 17.65 -1.60 -13.75
CA TYR B 146 16.75 -0.52 -13.36
C TYR B 146 16.62 -0.41 -11.85
N TYR B 147 16.33 -1.52 -11.18
CA TYR B 147 16.13 -1.45 -9.74
C TYR B 147 17.42 -1.09 -8.99
N ALA B 148 18.56 -1.52 -9.52
CA ALA B 148 19.85 -1.14 -8.90
C ALA B 148 19.97 0.38 -8.86
N ARG B 149 19.63 1.02 -9.98
CA ARG B 149 19.70 2.48 -10.07
C ARG B 149 18.58 3.18 -9.30
N ALA B 150 17.36 2.65 -9.42
CA ALA B 150 16.21 3.22 -8.72
C ALA B 150 16.40 3.22 -7.20
N ALA B 151 17.02 2.17 -6.67
CA ALA B 151 17.19 2.02 -5.23
C ALA B 151 17.98 3.19 -4.63
N LEU B 152 18.90 3.74 -5.42
CA LEU B 152 19.68 4.89 -4.96
C LEU B 152 18.81 6.09 -4.64
N ARG B 153 17.70 6.22 -5.34
CA ARG B 153 16.81 7.37 -5.12
C ARG B 153 16.16 7.38 -3.74
N TYR B 154 16.20 6.25 -3.03
CA TYR B 154 15.63 6.14 -1.70
C TYR B 154 16.67 6.23 -0.58
N ARG B 155 17.94 6.34 -0.94
CA ARG B 155 18.99 6.53 0.08
C ARG B 155 18.88 7.88 0.77
N TYR B 156 19.25 7.90 2.05
CA TYR B 156 19.24 9.13 2.84
C TYR B 156 20.19 10.18 2.26
N PRO B 157 19.74 11.44 2.19
CA PRO B 157 18.40 11.95 2.49
C PRO B 157 17.46 11.89 1.29
N ALA B 158 16.24 11.39 1.51
CA ALA B 158 15.26 11.23 0.43
C ALA B 158 13.86 11.74 0.77
N VAL B 159 13.66 12.22 2.00
CA VAL B 159 12.34 12.69 2.41
C VAL B 159 12.39 14.18 2.67
N GLU B 160 11.53 14.92 1.97
CA GLU B 160 11.45 16.36 2.17
C GLU B 160 10.64 16.67 3.42
N VAL B 161 11.28 17.34 4.38
CA VAL B 161 10.62 17.71 5.62
C VAL B 161 10.71 19.21 5.85
N VAL B 162 9.79 19.70 6.67
CA VAL B 162 9.75 21.08 7.11
C VAL B 162 10.62 21.24 8.34
N PRO B 163 11.61 22.12 8.30
CA PRO B 163 12.43 22.22 9.53
C PRO B 163 11.71 22.92 10.69
N TYR B 164 12.24 22.71 11.90
CA TYR B 164 11.67 23.31 13.08
C TYR B 164 12.82 23.90 13.89
N PRO B 165 12.63 25.09 14.47
CA PRO B 165 13.75 25.75 15.17
C PRO B 165 14.31 24.91 16.32
N GLY B 166 15.63 24.86 16.43
CA GLY B 166 16.26 24.21 17.56
C GLY B 166 16.26 22.70 17.51
N GLU B 167 15.86 22.14 16.36
CA GLU B 167 15.72 20.70 16.21
C GLU B 167 16.37 20.20 14.95
N ASP B 168 16.82 18.95 14.98
CA ASP B 168 17.21 18.23 13.80
C ASP B 168 16.12 17.20 13.54
N ASN B 169 15.53 17.25 12.34
CA ASN B 169 14.47 16.31 11.99
C ASN B 169 14.86 15.47 10.79
N GLU B 170 15.01 14.16 11.00
CA GLU B 170 15.51 13.27 9.97
C GLU B 170 14.49 12.21 9.64
N SER B 171 14.06 12.14 8.38
CA SER B 171 13.15 11.08 7.98
C SER B 171 13.85 10.23 6.93
N PHE B 172 13.73 8.92 7.07
CA PHE B 172 14.45 8.02 6.18
C PHE B 172 13.72 6.69 6.02
N TYR B 173 14.03 5.99 4.96
CA TYR B 173 13.36 4.73 4.66
C TYR B 173 14.17 3.57 5.18
N VAL B 174 13.46 2.55 5.65
CA VAL B 174 14.09 1.29 6.05
C VAL B 174 13.33 0.14 5.36
N PRO B 175 14.05 -0.95 5.06
CA PRO B 175 13.35 -2.10 4.48
C PRO B 175 12.44 -2.80 5.51
N LEU B 176 11.51 -3.59 5.01
CA LEU B 176 10.49 -4.24 5.84
C LEU B 176 10.97 -5.49 6.59
N GLY B 177 11.70 -6.36 5.91
CA GLY B 177 12.10 -7.61 6.51
C GLY B 177 12.19 -8.71 5.48
N ALA B 178 11.85 -9.94 5.90
CA ALA B 178 11.84 -11.10 5.01
C ALA B 178 10.44 -11.30 4.45
N GLY B 179 10.36 -11.47 3.13
CA GLY B 179 9.08 -11.66 2.48
C GLY B 179 9.12 -12.80 1.49
N VAL B 180 7.98 -13.06 0.89
CA VAL B 180 7.81 -14.20 -0.03
CA VAL B 180 7.85 -14.19 -0.03
C VAL B 180 7.47 -13.71 -1.43
N VAL B 181 8.08 -14.32 -2.43
CA VAL B 181 7.76 -14.05 -3.83
C VAL B 181 7.13 -15.31 -4.40
N ILE B 182 5.96 -15.15 -5.02
CA ILE B 182 5.29 -16.26 -5.71
C ILE B 182 5.20 -15.87 -7.18
N ALA B 183 5.95 -16.58 -8.02
CA ALA B 183 6.25 -16.15 -9.39
C ALA B 183 5.50 -16.98 -10.43
N PRO B 184 5.31 -16.42 -11.64
CA PRO B 184 4.52 -17.09 -12.67
C PRO B 184 5.40 -17.90 -13.60
N TRP B 185 4.79 -18.77 -14.40
CA TRP B 185 5.53 -19.58 -15.36
C TRP B 185 5.74 -18.88 -16.70
N ASN B 186 4.96 -17.85 -16.98
CA ASN B 186 4.98 -17.26 -18.31
C ASN B 186 6.13 -16.29 -18.59
N PHE B 187 6.64 -15.63 -17.56
CA PHE B 187 7.90 -14.90 -17.65
C PHE B 187 8.80 -15.33 -16.50
N PRO B 188 9.30 -16.57 -16.58
CA PRO B 188 9.95 -17.15 -15.39
C PRO B 188 11.41 -16.80 -15.27
N VAL B 189 11.92 -15.98 -16.17
CA VAL B 189 13.18 -15.30 -15.91
C VAL B 189 12.87 -13.85 -15.55
N ALA B 190 12.19 -13.12 -16.42
CA ALA B 190 11.92 -11.68 -16.19
C ALA B 190 11.17 -11.36 -14.89
N ILE B 191 9.95 -11.88 -14.74
CA ILE B 191 9.13 -11.50 -13.59
C ILE B 191 9.66 -12.15 -12.31
N PHE B 192 10.11 -13.39 -12.40
CA PHE B 192 10.80 -14.06 -11.30
C PHE B 192 11.94 -13.17 -10.78
N THR B 193 12.78 -12.70 -11.70
CA THR B 193 13.92 -11.86 -11.30
C THR B 193 13.50 -10.51 -10.71
N GLY B 194 12.60 -9.79 -11.39
CA GLY B 194 12.20 -8.49 -10.92
C GLY B 194 11.51 -8.50 -9.56
N MET B 195 10.65 -9.49 -9.33
CA MET B 195 9.92 -9.61 -8.08
CA MET B 195 9.92 -9.58 -8.08
C MET B 195 10.83 -9.87 -6.88
N ILE B 196 11.96 -10.52 -7.14
CA ILE B 196 12.92 -10.83 -6.10
C ILE B 196 13.86 -9.64 -5.91
N MET B 197 14.39 -9.14 -7.02
CA MET B 197 15.43 -8.11 -6.97
C MET B 197 14.95 -6.74 -6.53
N GLY B 198 13.69 -6.39 -6.79
CA GLY B 198 13.16 -5.13 -6.30
C GLY B 198 13.25 -5.00 -4.77
N PRO B 199 12.59 -5.92 -4.05
CA PRO B 199 12.65 -5.91 -2.57
C PRO B 199 14.09 -6.06 -2.05
N VAL B 200 14.86 -6.94 -2.67
CA VAL B 200 16.22 -7.19 -2.20
C VAL B 200 17.11 -5.95 -2.34
N ALA B 201 16.89 -5.19 -3.41
CA ALA B 201 17.75 -4.04 -3.70
C ALA B 201 17.75 -3.06 -2.56
N VAL B 202 16.59 -2.86 -1.94
CA VAL B 202 16.48 -1.84 -0.89
C VAL B 202 16.62 -2.40 0.52
N GLY B 203 17.04 -3.66 0.63
CA GLY B 203 17.44 -4.21 1.92
C GLY B 203 16.53 -5.27 2.51
N ASN B 204 15.50 -5.69 1.77
CA ASN B 204 14.71 -6.83 2.21
C ASN B 204 15.38 -8.14 1.82
N THR B 205 14.90 -9.23 2.39
CA THR B 205 15.34 -10.57 2.02
C THR B 205 14.11 -11.33 1.51
N VAL B 206 14.34 -12.35 0.67
CA VAL B 206 13.24 -12.95 -0.09
C VAL B 206 13.31 -14.46 -0.13
N ILE B 207 12.15 -15.10 0.06
CA ILE B 207 12.00 -16.52 -0.21
C ILE B 207 11.15 -16.62 -1.47
N ALA B 208 11.71 -17.20 -2.52
CA ALA B 208 11.05 -17.23 -3.83
C ALA B 208 10.56 -18.63 -4.18
N LYS B 209 9.30 -18.71 -4.55
CA LYS B 209 8.70 -19.96 -5.01
C LYS B 209 8.45 -19.84 -6.51
N PRO B 210 9.26 -20.55 -7.31
CA PRO B 210 9.01 -20.47 -8.76
C PRO B 210 7.74 -21.26 -9.11
N ALA B 211 7.16 -20.94 -10.25
CA ALA B 211 6.05 -21.72 -10.78
C ALA B 211 6.54 -23.13 -11.13
N GLU B 212 5.68 -24.13 -10.90
CA GLU B 212 6.04 -25.53 -11.14
C GLU B 212 6.57 -25.81 -12.54
N ASP B 213 6.01 -25.12 -13.52
CA ASP B 213 6.34 -25.38 -14.93
C ASP B 213 7.69 -24.80 -15.34
N ALA B 214 8.29 -24.01 -14.47
CA ALA B 214 9.51 -23.29 -14.83
C ALA B 214 10.56 -23.33 -13.73
N VAL B 215 10.63 -24.46 -13.03
CA VAL B 215 11.55 -24.62 -11.92
C VAL B 215 13.03 -24.67 -12.34
N VAL B 216 13.32 -25.25 -13.51
CA VAL B 216 14.71 -25.36 -13.95
C VAL B 216 15.31 -23.99 -14.25
N VAL B 217 14.59 -23.18 -15.01
CA VAL B 217 15.14 -21.87 -15.35
C VAL B 217 15.21 -20.98 -14.11
N GLY B 218 14.30 -21.20 -13.16
CA GLY B 218 14.37 -20.50 -11.88
C GLY B 218 15.65 -20.85 -11.14
N ALA B 219 16.01 -22.14 -11.19
CA ALA B 219 17.23 -22.62 -10.57
C ALA B 219 18.45 -21.97 -11.22
N LYS B 220 18.44 -21.83 -12.54
CA LYS B 220 19.55 -21.18 -13.23
C LYS B 220 19.71 -19.71 -12.87
N VAL B 221 18.60 -19.02 -12.63
CA VAL B 221 18.66 -17.64 -12.15
C VAL B 221 19.31 -17.64 -10.78
N PHE B 222 18.97 -18.61 -9.95
CA PHE B 222 19.60 -18.71 -8.64
C PHE B 222 21.09 -19.02 -8.69
N GLU B 223 21.54 -19.73 -9.73
CA GLU B 223 22.96 -19.95 -9.92
C GLU B 223 23.66 -18.61 -10.09
N ILE B 224 23.02 -17.71 -10.82
CA ILE B 224 23.53 -16.36 -11.03
C ILE B 224 23.57 -15.55 -9.73
N PHE B 225 22.50 -15.59 -8.95
CA PHE B 225 22.50 -14.93 -7.65
C PHE B 225 23.61 -15.44 -6.74
N HIS B 226 23.78 -16.75 -6.71
CA HIS B 226 24.83 -17.36 -5.89
C HIS B 226 26.20 -16.92 -6.35
N GLU B 227 26.43 -16.96 -7.66
CA GLU B 227 27.74 -16.60 -8.19
C GLU B 227 28.04 -15.12 -7.93
N ALA B 228 27.00 -14.29 -7.99
CA ALA B 228 27.16 -12.85 -7.77
C ALA B 228 27.59 -12.57 -6.34
N GLY B 229 27.15 -13.43 -5.42
CA GLY B 229 27.62 -13.35 -4.05
C GLY B 229 26.67 -12.70 -3.05
N PHE B 230 25.37 -12.77 -3.30
CA PHE B 230 24.41 -12.35 -2.28
C PHE B 230 24.67 -13.14 -1.00
N PRO B 231 24.71 -12.45 0.15
CA PRO B 231 25.03 -13.13 1.41
C PRO B 231 24.00 -14.22 1.72
N PRO B 232 24.41 -15.25 2.48
CA PRO B 232 23.53 -16.37 2.83
C PRO B 232 22.20 -15.88 3.41
N GLY B 233 21.09 -16.38 2.86
CA GLY B 233 19.77 -16.02 3.36
C GLY B 233 19.10 -14.84 2.69
N VAL B 234 19.84 -14.06 1.92
CA VAL B 234 19.25 -12.88 1.28
C VAL B 234 18.25 -13.26 0.20
N VAL B 235 18.59 -14.29 -0.60
CA VAL B 235 17.64 -14.85 -1.56
C VAL B 235 17.57 -16.36 -1.38
N ASN B 236 16.36 -16.88 -1.40
CA ASN B 236 16.15 -18.31 -1.18
C ASN B 236 15.20 -18.88 -2.23
N PHE B 237 15.47 -20.12 -2.65
CA PHE B 237 14.79 -20.75 -3.79
C PHE B 237 14.06 -22.01 -3.33
N LEU B 238 12.73 -21.99 -3.39
CA LEU B 238 11.90 -23.09 -2.91
C LEU B 238 10.89 -23.58 -3.94
N PRO B 239 11.35 -24.32 -4.96
CA PRO B 239 10.38 -24.99 -5.84
C PRO B 239 9.51 -25.96 -5.04
N GLY B 240 8.23 -26.05 -5.39
CA GLY B 240 7.32 -26.91 -4.65
C GLY B 240 6.12 -27.31 -5.47
N VAL B 241 5.46 -28.39 -5.08
CA VAL B 241 4.28 -28.88 -5.79
C VAL B 241 2.99 -28.47 -5.09
N GLY B 242 2.07 -27.88 -5.84
CA GLY B 242 0.79 -27.51 -5.29
C GLY B 242 0.87 -26.35 -4.31
N GLU B 243 -0.13 -26.27 -3.44
CA GLU B 243 -0.33 -25.10 -2.59
C GLU B 243 0.50 -25.11 -1.31
N GLU B 244 1.03 -26.28 -0.93
CA GLU B 244 1.67 -26.45 0.38
C GLU B 244 2.63 -25.33 0.77
N VAL B 245 3.69 -25.15 0.00
CA VAL B 245 4.72 -24.19 0.41
C VAL B 245 4.24 -22.73 0.31
N GLY B 246 3.52 -22.39 -0.75
CA GLY B 246 3.02 -21.03 -0.91
C GLY B 246 2.02 -20.65 0.17
N ALA B 247 1.09 -21.54 0.45
CA ALA B 247 0.10 -21.30 1.51
C ALA B 247 0.77 -21.09 2.84
N TYR B 248 1.72 -21.97 3.15
CA TYR B 248 2.43 -21.94 4.43
C TYR B 248 3.13 -20.60 4.61
N LEU B 249 3.84 -20.16 3.57
CA LEU B 249 4.57 -18.91 3.61
C LEU B 249 3.64 -17.69 3.71
N VAL B 250 2.57 -17.69 2.90
CA VAL B 250 1.63 -16.57 2.88
C VAL B 250 0.97 -16.38 4.26
N GLU B 251 0.59 -17.48 4.88
CA GLU B 251 -0.16 -17.46 6.13
C GLU B 251 0.71 -17.31 7.38
N HIS B 252 2.02 -17.44 7.21
CA HIS B 252 2.94 -17.50 8.35
C HIS B 252 2.98 -16.17 9.11
N PRO B 253 2.99 -16.22 10.45
CA PRO B 253 3.00 -14.95 11.18
C PRO B 253 4.31 -14.16 11.00
N ARG B 254 5.37 -14.80 10.55
CA ARG B 254 6.67 -14.13 10.38
C ARG B 254 7.01 -13.78 8.93
N THR B 255 6.04 -13.91 8.04
CA THR B 255 6.18 -13.40 6.68
C THR B 255 5.79 -11.92 6.66
N ARG B 256 6.72 -11.05 6.28
CA ARG B 256 6.48 -9.59 6.38
C ARG B 256 5.68 -9.05 5.18
N PHE B 257 5.94 -9.60 4.00
CA PHE B 257 5.24 -9.15 2.80
C PHE B 257 5.15 -10.29 1.80
N ILE B 258 4.24 -10.16 0.85
CA ILE B 258 4.04 -11.18 -0.18
C ILE B 258 3.99 -10.44 -1.50
N ASN B 259 4.81 -10.87 -2.46
CA ASN B 259 4.81 -10.28 -3.80
C ASN B 259 4.34 -11.39 -4.73
N PHE B 260 3.19 -11.20 -5.38
CA PHE B 260 2.59 -12.27 -6.18
C PHE B 260 2.24 -11.81 -7.59
N THR B 261 2.52 -12.66 -8.57
CA THR B 261 2.04 -12.44 -9.94
C THR B 261 1.47 -13.77 -10.42
N GLY B 262 0.21 -13.77 -10.86
CA GLY B 262 -0.40 -15.01 -11.31
C GLY B 262 -1.89 -14.84 -11.52
N SER B 263 -2.63 -15.93 -11.33
CA SER B 263 -4.07 -15.92 -11.60
C SER B 263 -4.85 -15.09 -10.58
N LEU B 264 -5.98 -14.56 -11.02
CA LEU B 264 -6.90 -13.87 -10.10
C LEU B 264 -7.38 -14.77 -8.96
N GLU B 265 -7.70 -16.03 -9.25
CA GLU B 265 -8.17 -16.95 -8.21
C GLU B 265 -7.18 -17.02 -7.05
N VAL B 266 -5.91 -17.18 -7.38
CA VAL B 266 -4.89 -17.32 -6.35
C VAL B 266 -4.63 -15.97 -5.70
N GLY B 267 -4.58 -14.91 -6.50
CA GLY B 267 -4.37 -13.58 -5.99
C GLY B 267 -5.40 -13.15 -4.96
N LEU B 268 -6.67 -13.46 -5.22
CA LEU B 268 -7.73 -13.15 -4.27
C LEU B 268 -7.50 -13.83 -2.91
N LYS B 269 -7.10 -15.10 -2.96
CA LYS B 269 -6.83 -15.87 -1.74
C LYS B 269 -5.65 -15.30 -0.97
N ILE B 270 -4.60 -14.91 -1.69
CA ILE B 270 -3.42 -14.32 -1.06
C ILE B 270 -3.76 -12.98 -0.41
N TYR B 271 -4.50 -12.14 -1.11
CA TYR B 271 -4.88 -10.84 -0.55
C TYR B 271 -5.74 -11.01 0.71
N GLU B 272 -6.65 -11.97 0.69
CA GLU B 272 -7.50 -12.21 1.84
C GLU B 272 -6.67 -12.71 3.01
N ALA B 273 -5.77 -13.66 2.75
CA ALA B 273 -4.91 -14.21 3.80
C ALA B 273 -3.99 -13.14 4.39
N ALA B 274 -3.48 -12.26 3.54
CA ALA B 274 -2.59 -11.21 3.98
C ALA B 274 -3.29 -10.22 4.91
N GLY B 275 -4.61 -10.13 4.78
CA GLY B 275 -5.39 -9.22 5.61
C GLY B 275 -5.62 -9.73 7.02
N ARG B 276 -5.30 -11.01 7.25
CA ARG B 276 -5.55 -11.65 8.52
C ARG B 276 -4.34 -11.59 9.44
N LEU B 277 -4.60 -11.50 10.75
CA LEU B 277 -3.52 -11.59 11.73
C LEU B 277 -3.34 -13.04 12.17
N ALA B 278 -2.28 -13.67 11.68
CA ALA B 278 -1.96 -15.04 12.12
C ALA B 278 -1.60 -15.03 13.59
N PRO B 279 -1.77 -16.16 14.28
CA PRO B 279 -1.44 -16.19 15.71
C PRO B 279 0.01 -15.77 15.95
N GLY B 280 0.21 -14.78 16.83
CA GLY B 280 1.54 -14.31 17.15
C GLY B 280 2.12 -13.27 16.20
N GLN B 281 1.38 -12.95 15.13
CA GLN B 281 1.84 -11.97 14.16
C GLN B 281 1.89 -10.56 14.78
N THR B 282 2.92 -9.78 14.44
CA THR B 282 3.13 -8.48 15.07
C THR B 282 3.20 -7.35 14.06
N TRP B 283 2.56 -7.52 12.90
CA TRP B 283 2.50 -6.46 11.90
C TRP B 283 1.32 -6.65 10.96
N PHE B 284 1.04 -5.60 10.19
CA PHE B 284 0.08 -5.68 9.10
C PHE B 284 0.83 -6.05 7.83
N LYS B 285 0.57 -7.25 7.31
CA LYS B 285 1.26 -7.70 6.10
C LYS B 285 0.92 -6.84 4.90
N ARG B 286 1.93 -6.62 4.06
CA ARG B 286 1.72 -6.01 2.76
C ARG B 286 1.65 -7.10 1.72
N ALA B 287 0.68 -7.01 0.83
CA ALA B 287 0.54 -7.98 -0.26
C ALA B 287 0.42 -7.22 -1.57
N TYR B 288 1.35 -7.48 -2.50
CA TYR B 288 1.30 -6.85 -3.81
C TYR B 288 0.92 -7.95 -4.78
N VAL B 289 -0.18 -7.76 -5.49
CA VAL B 289 -0.66 -8.82 -6.37
C VAL B 289 -0.88 -8.27 -7.77
N GLU B 290 -0.37 -8.98 -8.75
CA GLU B 290 -0.69 -8.65 -10.14
CA GLU B 290 -0.63 -8.67 -10.15
C GLU B 290 -1.38 -9.88 -10.70
N THR B 291 -2.63 -9.70 -11.15
N THR B 291 -2.64 -9.67 -10.98
CA THR B 291 -3.58 -10.82 -11.30
CA THR B 291 -3.47 -10.75 -11.43
C THR B 291 -4.28 -11.00 -12.67
C THR B 291 -3.62 -10.54 -12.92
N GLY B 292 -3.63 -10.55 -13.74
N GLY B 292 -4.61 -11.18 -13.52
CA GLY B 292 -4.10 -10.83 -15.09
CA GLY B 292 -4.69 -11.21 -14.95
C GLY B 292 -5.02 -9.79 -15.69
C GLY B 292 -5.21 -9.95 -15.59
N GLY B 293 -5.61 -10.10 -16.85
CA GLY B 293 -6.40 -9.12 -17.55
C GLY B 293 -7.33 -9.78 -18.56
N LYS B 294 -8.26 -8.99 -19.08
CA LYS B 294 -9.03 -9.39 -20.26
C LYS B 294 -8.90 -8.21 -21.21
N ASP B 295 -7.74 -8.15 -21.85
CA ASP B 295 -7.29 -6.93 -22.52
C ASP B 295 -7.85 -6.82 -23.93
N ALA B 296 -8.34 -5.62 -24.26
CA ALA B 296 -8.93 -5.37 -25.57
C ALA B 296 -8.10 -4.41 -26.39
N ILE B 297 -8.12 -4.61 -27.70
CA ILE B 297 -7.69 -3.60 -28.64
C ILE B 297 -8.93 -3.08 -29.36
N ILE B 298 -9.13 -1.77 -29.34
CA ILE B 298 -10.19 -1.12 -30.09
C ILE B 298 -9.62 -0.66 -31.42
N VAL B 299 -10.34 -0.91 -32.52
CA VAL B 299 -9.98 -0.31 -33.81
C VAL B 299 -11.17 0.45 -34.38
N ASP B 300 -10.97 1.71 -34.74
CA ASP B 300 -12.03 2.45 -35.43
C ASP B 300 -11.74 2.62 -36.93
N GLU B 301 -12.67 3.23 -37.65
CA GLU B 301 -12.58 3.25 -39.10
C GLU B 301 -11.54 4.24 -39.65
N THR B 302 -10.86 4.96 -38.76
CA THR B 302 -9.83 5.90 -39.20
C THR B 302 -8.44 5.27 -39.14
N ALA B 303 -8.36 4.06 -38.62
CA ALA B 303 -7.06 3.44 -38.34
C ALA B 303 -6.32 3.01 -39.61
N ASP B 304 -5.02 2.80 -39.49
CA ASP B 304 -4.26 2.10 -40.50
C ASP B 304 -4.59 0.62 -40.27
N PHE B 305 -5.42 0.05 -41.13
CA PHE B 305 -5.95 -1.30 -40.90
C PHE B 305 -4.87 -2.38 -40.96
N ASP B 306 -3.88 -2.18 -41.80
CA ASP B 306 -2.78 -3.14 -41.90
C ASP B 306 -1.91 -3.10 -40.65
N LEU B 307 -1.64 -1.90 -40.16
CA LEU B 307 -0.88 -1.74 -38.93
C LEU B 307 -1.64 -2.38 -37.77
N ALA B 308 -2.94 -2.12 -37.73
CA ALA B 308 -3.79 -2.64 -36.67
C ALA B 308 -3.81 -4.16 -36.68
N ALA B 309 -3.98 -4.75 -37.86
CA ALA B 309 -4.05 -6.22 -37.93
C ALA B 309 -2.75 -6.85 -37.46
N GLU B 310 -1.62 -6.25 -37.81
CA GLU B 310 -0.33 -6.78 -37.40
C GLU B 310 -0.17 -6.70 -35.87
N GLY B 311 -0.50 -5.55 -35.29
CA GLY B 311 -0.41 -5.37 -33.85
C GLY B 311 -1.36 -6.27 -33.08
N VAL B 312 -2.53 -6.52 -33.67
CA VAL B 312 -3.51 -7.40 -33.03
C VAL B 312 -2.99 -8.83 -32.99
N VAL B 313 -2.44 -9.29 -34.10
CA VAL B 313 -1.92 -10.66 -34.17
C VAL B 313 -0.75 -10.87 -33.22
N VAL B 314 0.18 -9.92 -33.20
CA VAL B 314 1.29 -9.98 -32.26
C VAL B 314 0.78 -10.00 -30.82
N SER B 315 -0.17 -9.13 -30.51
CA SER B 315 -0.68 -9.02 -29.15
C SER B 315 -1.49 -10.23 -28.71
N ALA B 316 -2.24 -10.83 -29.64
CA ALA B 316 -3.12 -11.95 -29.31
C ALA B 316 -2.36 -13.27 -29.23
N TYR B 317 -1.35 -13.43 -30.07
CA TYR B 317 -0.76 -14.75 -30.25
C TYR B 317 0.72 -14.89 -29.87
N GLY B 318 1.38 -13.78 -29.52
CA GLY B 318 2.73 -13.83 -29.01
C GLY B 318 2.79 -14.72 -27.77
N PHE B 319 3.77 -15.62 -27.71
CA PHE B 319 3.83 -16.66 -26.66
C PHE B 319 2.47 -17.33 -26.45
N GLN B 320 1.77 -17.59 -27.55
CA GLN B 320 0.54 -18.37 -27.55
C GLN B 320 -0.57 -17.72 -26.72
N GLY B 321 -0.49 -16.40 -26.55
CA GLY B 321 -1.49 -15.67 -25.80
C GLY B 321 -1.37 -15.85 -24.30
N GLN B 322 -0.26 -16.43 -23.86
CA GLN B 322 -0.09 -16.72 -22.44
C GLN B 322 0.56 -15.54 -21.75
N LYS B 323 -0.10 -14.38 -21.82
CA LYS B 323 0.40 -13.16 -21.21
C LYS B 323 -0.75 -12.42 -20.54
N CYS B 324 -0.46 -11.83 -19.38
CA CYS B 324 -1.45 -11.03 -18.68
CA CYS B 324 -1.43 -11.01 -18.66
C CYS B 324 -1.85 -9.81 -19.51
N SER B 325 -0.97 -9.43 -20.43
CA SER B 325 -1.14 -8.27 -21.32
C SER B 325 -1.72 -8.61 -22.69
N ALA B 326 -1.93 -9.90 -22.97
CA ALA B 326 -2.33 -10.34 -24.31
C ALA B 326 -3.67 -9.74 -24.76
N ALA B 327 -3.76 -9.35 -26.02
CA ALA B 327 -5.06 -8.97 -26.58
C ALA B 327 -5.93 -10.22 -26.71
N SER B 328 -6.95 -10.31 -25.86
CA SER B 328 -7.90 -11.42 -25.95
C SER B 328 -9.27 -10.96 -26.45
N ARG B 329 -9.43 -9.64 -26.57
CA ARG B 329 -10.64 -9.07 -27.16
C ARG B 329 -10.27 -8.09 -28.26
N LEU B 330 -10.97 -8.15 -29.38
CA LEU B 330 -10.79 -7.19 -30.46
C LEU B 330 -12.12 -6.50 -30.67
N ILE B 331 -12.17 -5.22 -30.35
CA ILE B 331 -13.41 -4.46 -30.41
C ILE B 331 -13.37 -3.58 -31.65
N LEU B 332 -14.25 -3.85 -32.61
CA LEU B 332 -14.24 -3.16 -33.90
C LEU B 332 -15.52 -2.35 -34.10
N THR B 333 -15.36 -1.05 -34.36
CA THR B 333 -16.51 -0.24 -34.78
C THR B 333 -17.00 -0.75 -36.13
N GLN B 334 -18.22 -0.37 -36.49
CA GLN B 334 -18.85 -0.91 -37.69
C GLN B 334 -18.06 -0.66 -38.97
N GLY B 335 -17.51 0.56 -39.11
CA GLY B 335 -16.72 0.89 -40.29
C GLY B 335 -15.39 0.15 -40.34
N ALA B 336 -14.89 -0.27 -39.19
CA ALA B 336 -13.61 -0.99 -39.11
C ALA B 336 -13.78 -2.51 -39.22
N TYR B 337 -14.99 -3.00 -38.98
CA TYR B 337 -15.21 -4.43 -38.77
C TYR B 337 -14.68 -5.35 -39.87
N GLU B 338 -15.25 -5.26 -41.06
CA GLU B 338 -14.83 -6.14 -42.15
C GLU B 338 -13.37 -5.95 -42.59
N PRO B 339 -12.92 -4.68 -42.79
CA PRO B 339 -11.53 -4.48 -43.22
C PRO B 339 -10.51 -5.04 -42.22
N VAL B 340 -10.75 -4.81 -40.93
CA VAL B 340 -9.81 -5.28 -39.92
C VAL B 340 -9.92 -6.79 -39.71
N LEU B 341 -11.13 -7.30 -39.60
CA LEU B 341 -11.31 -8.74 -39.35
C LEU B 341 -10.71 -9.55 -40.49
N GLU B 342 -10.92 -9.11 -41.73
CA GLU B 342 -10.37 -9.79 -42.89
C GLU B 342 -8.84 -9.86 -42.84
N ARG B 343 -8.22 -8.75 -42.45
CA ARG B 343 -6.77 -8.67 -42.36
C ARG B 343 -6.22 -9.50 -41.20
N VAL B 344 -6.92 -9.48 -40.07
CA VAL B 344 -6.51 -10.29 -38.93
C VAL B 344 -6.61 -11.79 -39.26
N LEU B 345 -7.69 -12.20 -39.89
CA LEU B 345 -7.85 -13.60 -40.26
C LEU B 345 -6.78 -14.05 -41.25
N LYS B 346 -6.49 -13.20 -42.24
CA LYS B 346 -5.48 -13.55 -43.25
C LYS B 346 -4.09 -13.69 -42.63
N ARG B 347 -3.76 -12.80 -41.69
CA ARG B 347 -2.47 -12.90 -41.01
C ARG B 347 -2.40 -14.10 -40.09
N ALA B 348 -3.44 -14.29 -39.30
CA ALA B 348 -3.45 -15.33 -38.27
C ALA B 348 -3.42 -16.73 -38.87
N GLU B 349 -4.06 -16.91 -40.02
CA GLU B 349 -4.12 -18.22 -40.62
C GLU B 349 -2.77 -18.65 -41.21
N ARG B 350 -1.85 -17.68 -41.31
CA ARG B 350 -0.51 -17.97 -41.82
C ARG B 350 0.52 -18.22 -40.71
N LEU B 351 0.11 -18.09 -39.46
CA LEU B 351 1.03 -18.33 -38.34
C LEU B 351 1.41 -19.80 -38.25
N SER B 352 2.70 -20.07 -38.08
CA SER B 352 3.16 -21.45 -37.90
C SER B 352 3.06 -21.85 -36.43
N VAL B 353 2.81 -23.13 -36.19
CA VAL B 353 2.74 -23.68 -34.84
C VAL B 353 3.60 -24.94 -34.82
N GLY B 354 4.46 -25.09 -33.82
CA GLY B 354 5.29 -26.27 -33.77
C GLY B 354 6.26 -26.21 -32.59
N PRO B 355 7.19 -27.17 -32.51
CA PRO B 355 8.18 -27.21 -31.45
C PRO B 355 8.88 -25.86 -31.32
N ALA B 356 8.96 -25.34 -30.11
CA ALA B 356 9.46 -23.99 -29.89
C ALA B 356 10.87 -23.78 -30.41
N GLU B 357 11.70 -24.83 -30.38
CA GLU B 357 13.10 -24.67 -30.78
C GLU B 357 13.25 -24.37 -32.27
N GLU B 358 12.21 -24.63 -33.05
CA GLU B 358 12.26 -24.35 -34.48
C GLU B 358 11.91 -22.90 -34.80
N ASN B 359 11.72 -22.11 -33.74
CA ASN B 359 11.28 -20.71 -33.85
C ASN B 359 10.00 -20.51 -34.67
N PRO B 360 8.93 -21.26 -34.34
CA PRO B 360 7.66 -21.03 -35.03
C PRO B 360 7.04 -19.75 -34.52
N ASP B 361 5.97 -19.29 -35.16
CA ASP B 361 5.23 -18.15 -34.64
C ASP B 361 4.64 -18.48 -33.28
N LEU B 362 4.09 -19.69 -33.15
CA LEU B 362 3.60 -20.19 -31.87
C LEU B 362 4.25 -21.54 -31.51
N GLY B 363 4.72 -21.64 -30.28
CA GLY B 363 5.09 -22.92 -29.71
C GLY B 363 3.86 -23.55 -29.10
N PRO B 364 4.06 -24.54 -28.23
CA PRO B 364 2.93 -25.19 -27.55
C PRO B 364 2.48 -24.35 -26.36
N VAL B 365 1.28 -24.60 -25.85
CA VAL B 365 0.96 -24.06 -24.53
C VAL B 365 1.77 -24.84 -23.50
N VAL B 366 1.81 -24.32 -22.28
CA VAL B 366 2.86 -24.71 -21.33
C VAL B 366 2.74 -26.11 -20.70
N SER B 367 1.54 -26.67 -20.64
CA SER B 367 1.31 -27.90 -19.91
C SER B 367 0.01 -28.57 -20.33
N ALA B 368 -0.18 -29.80 -19.90
CA ALA B 368 -1.40 -30.54 -20.19
C ALA B 368 -2.58 -29.84 -19.54
N GLU B 369 -2.37 -29.29 -18.35
CA GLU B 369 -3.42 -28.56 -17.64
C GLU B 369 -3.83 -27.30 -18.39
N GLN B 370 -2.84 -26.55 -18.88
CA GLN B 370 -3.14 -25.36 -19.67
C GLN B 370 -3.87 -25.76 -20.93
N GLU B 371 -3.42 -26.84 -21.55
CA GLU B 371 -4.07 -27.36 -22.75
C GLU B 371 -5.55 -27.66 -22.48
N ARG B 372 -5.81 -28.32 -21.36
CA ARG B 372 -7.18 -28.68 -20.99
C ARG B 372 -8.04 -27.44 -20.77
N LYS B 373 -7.47 -26.45 -20.11
CA LYS B 373 -8.18 -25.20 -19.84
C LYS B 373 -8.52 -24.47 -21.12
N VAL B 374 -7.54 -24.33 -22.01
CA VAL B 374 -7.74 -23.61 -23.26
C VAL B 374 -8.75 -24.34 -24.15
N LEU B 375 -8.62 -25.66 -24.26
CA LEU B 375 -9.55 -26.45 -25.05
C LEU B 375 -10.97 -26.37 -24.48
N SER B 376 -11.07 -26.29 -23.15
CA SER B 376 -12.37 -26.17 -22.51
C SER B 376 -13.03 -24.84 -22.85
N TYR B 377 -12.25 -23.77 -22.85
CA TYR B 377 -12.76 -22.45 -23.21
C TYR B 377 -13.17 -22.39 -24.68
N ILE B 378 -12.47 -23.13 -25.52
CA ILE B 378 -12.84 -23.21 -26.93
C ILE B 378 -14.23 -23.86 -27.08
N GLU B 379 -14.47 -24.93 -26.33
CA GLU B 379 -15.79 -25.55 -26.31
C GLU B 379 -16.86 -24.57 -25.80
N ILE B 380 -16.54 -23.82 -24.75
CA ILE B 380 -17.44 -22.80 -24.23
C ILE B 380 -17.70 -21.73 -25.28
N GLY B 381 -16.62 -21.28 -25.94
CA GLY B 381 -16.73 -20.32 -27.02
C GLY B 381 -17.67 -20.74 -28.15
N LYS B 382 -17.66 -22.03 -28.49
CA LYS B 382 -18.51 -22.55 -29.56
C LYS B 382 -19.99 -22.39 -29.25
N ASN B 383 -20.32 -22.24 -27.97
CA ASN B 383 -21.71 -22.05 -27.56
C ASN B 383 -22.05 -20.58 -27.35
N GLU B 384 -21.06 -19.70 -27.53
CA GLU B 384 -21.25 -18.28 -27.24
C GLU B 384 -21.07 -17.41 -28.48
N GLY B 385 -20.05 -17.72 -29.28
CA GLY B 385 -19.78 -16.97 -30.48
C GLY B 385 -19.63 -17.89 -31.68
N GLN B 386 -19.08 -17.37 -32.77
CA GLN B 386 -18.90 -18.16 -33.97
C GLN B 386 -17.41 -18.41 -34.21
N LEU B 387 -17.04 -19.68 -34.26
CA LEU B 387 -15.65 -20.04 -34.52
C LEU B 387 -15.36 -19.81 -35.99
N VAL B 388 -14.39 -18.97 -36.30
CA VAL B 388 -14.04 -18.68 -37.69
C VAL B 388 -12.61 -19.07 -38.06
N LEU B 389 -11.79 -19.37 -37.07
CA LEU B 389 -10.42 -19.80 -37.32
C LEU B 389 -9.90 -20.66 -36.18
N GLY B 390 -9.23 -21.76 -36.52
CA GLY B 390 -8.56 -22.59 -35.53
C GLY B 390 -9.52 -23.32 -34.61
N GLY B 391 -9.27 -23.25 -33.31
CA GLY B 391 -10.12 -23.91 -32.33
C GLY B 391 -9.82 -25.39 -32.21
N LYS B 392 -8.59 -25.78 -32.57
CA LYS B 392 -8.23 -27.20 -32.58
C LYS B 392 -6.85 -27.49 -31.99
N ARG B 393 -6.72 -28.67 -31.41
CA ARG B 393 -5.44 -29.27 -31.07
C ARG B 393 -4.81 -29.79 -32.35
N LEU B 394 -3.53 -29.50 -32.56
CA LEU B 394 -2.82 -29.97 -33.75
C LEU B 394 -2.08 -31.27 -33.44
N GLU B 395 -1.64 -31.98 -34.48
CA GLU B 395 -0.93 -33.23 -34.31
C GLU B 395 0.41 -33.05 -33.61
N GLY B 396 0.74 -33.99 -32.73
CA GLY B 396 2.01 -33.96 -32.01
C GLY B 396 1.81 -34.20 -30.54
N GLU B 397 2.82 -34.77 -29.89
CA GLU B 397 2.78 -34.97 -28.44
C GLU B 397 2.74 -33.62 -27.72
N GLY B 398 3.45 -32.63 -28.28
CA GLY B 398 3.47 -31.28 -27.74
C GLY B 398 2.09 -30.64 -27.70
N TYR B 399 1.90 -29.70 -26.78
CA TYR B 399 0.57 -29.12 -26.55
C TYR B 399 0.27 -28.01 -27.55
N PHE B 400 0.20 -28.39 -28.82
CA PHE B 400 0.04 -27.44 -29.91
C PHE B 400 -1.44 -27.12 -30.17
N ILE B 401 -1.78 -25.84 -29.99
CA ILE B 401 -3.14 -25.37 -30.25
C ILE B 401 -3.11 -24.27 -31.32
N ALA B 402 -4.02 -24.35 -32.29
CA ALA B 402 -4.03 -23.40 -33.39
C ALA B 402 -4.53 -22.04 -32.93
N PRO B 403 -3.97 -20.96 -33.52
CA PRO B 403 -4.53 -19.62 -33.29
C PRO B 403 -6.02 -19.65 -33.55
N THR B 404 -6.78 -19.13 -32.61
CA THR B 404 -8.23 -19.28 -32.62
C THR B 404 -8.92 -17.91 -32.62
N VAL B 405 -9.96 -17.77 -33.44
CA VAL B 405 -10.73 -16.54 -33.48
C VAL B 405 -12.22 -16.87 -33.40
N PHE B 406 -12.92 -16.22 -32.46
CA PHE B 406 -14.38 -16.26 -32.40
C PHE B 406 -14.92 -14.89 -32.78
N THR B 407 -16.00 -14.86 -33.56
CA THR B 407 -16.66 -13.60 -33.92
C THR B 407 -18.06 -13.57 -33.34
N GLU B 408 -18.70 -12.40 -33.44
CA GLU B 408 -20.05 -12.20 -32.93
C GLU B 408 -20.17 -12.62 -31.47
N VAL B 409 -19.14 -12.30 -30.70
CA VAL B 409 -19.08 -12.63 -29.29
C VAL B 409 -19.82 -11.55 -28.49
N PRO B 410 -20.84 -11.95 -27.73
CA PRO B 410 -21.52 -11.02 -26.82
C PRO B 410 -20.55 -10.52 -25.76
N PRO B 411 -20.57 -9.22 -25.46
CA PRO B 411 -19.65 -8.62 -24.48
C PRO B 411 -19.63 -9.32 -23.11
N LYS B 412 -20.75 -9.91 -22.71
CA LYS B 412 -20.84 -10.56 -21.40
C LYS B 412 -20.62 -12.07 -21.46
N ALA B 413 -20.29 -12.59 -22.64
CA ALA B 413 -19.99 -14.01 -22.78
C ALA B 413 -18.77 -14.38 -21.92
N ARG B 414 -18.73 -15.63 -21.47
CA ARG B 414 -17.60 -16.09 -20.67
C ARG B 414 -16.27 -15.86 -21.40
N ILE B 415 -16.24 -16.15 -22.70
CA ILE B 415 -14.99 -15.96 -23.44
C ILE B 415 -14.65 -14.50 -23.67
N ALA B 416 -15.58 -13.60 -23.35
CA ALA B 416 -15.32 -12.16 -23.43
C ALA B 416 -15.05 -11.56 -22.05
N GLN B 417 -15.12 -12.37 -21.00
CA GLN B 417 -14.98 -11.88 -19.64
C GLN B 417 -13.85 -12.55 -18.88
N GLU B 418 -13.63 -13.83 -19.15
CA GLU B 418 -12.71 -14.62 -18.34
C GLU B 418 -11.36 -14.78 -19.05
N GLU B 419 -10.29 -14.74 -18.27
CA GLU B 419 -8.94 -14.83 -18.81
C GLU B 419 -8.61 -16.26 -19.21
N ILE B 420 -8.51 -16.48 -20.51
CA ILE B 420 -8.23 -17.80 -21.07
C ILE B 420 -6.73 -18.14 -21.07
N PHE B 421 -5.90 -17.12 -21.29
CA PHE B 421 -4.44 -17.28 -21.24
C PHE B 421 -3.99 -18.29 -22.30
N GLY B 422 -4.59 -18.20 -23.48
CA GLY B 422 -4.24 -19.07 -24.59
C GLY B 422 -4.44 -18.32 -25.88
N PRO B 423 -4.21 -19.00 -27.00
CA PRO B 423 -4.25 -18.30 -28.29
C PRO B 423 -5.68 -18.18 -28.82
N VAL B 424 -6.51 -17.45 -28.07
CA VAL B 424 -7.94 -17.38 -28.38
C VAL B 424 -8.39 -15.92 -28.38
N LEU B 425 -8.76 -15.42 -29.55
CA LEU B 425 -9.18 -14.03 -29.68
C LEU B 425 -10.68 -13.92 -29.87
N SER B 426 -11.32 -13.07 -29.06
CA SER B 426 -12.77 -12.83 -29.16
C SER B 426 -13.04 -11.49 -29.85
N VAL B 427 -13.81 -11.53 -30.94
CA VAL B 427 -14.09 -10.33 -31.72
C VAL B 427 -15.50 -9.82 -31.46
N ILE B 428 -15.60 -8.54 -31.11
CA ILE B 428 -16.87 -7.92 -30.74
C ILE B 428 -17.11 -6.71 -31.62
N ARG B 429 -18.27 -6.68 -32.28
CA ARG B 429 -18.64 -5.59 -33.17
C ARG B 429 -19.46 -4.54 -32.41
N VAL B 430 -19.05 -3.28 -32.50
CA VAL B 430 -19.75 -2.19 -31.83
C VAL B 430 -20.10 -1.09 -32.81
N LYS B 431 -21.04 -0.22 -32.43
CA LYS B 431 -21.51 0.82 -33.34
C LYS B 431 -20.44 1.88 -33.60
N ASP B 432 -19.84 2.38 -32.53
CA ASP B 432 -18.96 3.53 -32.62
C ASP B 432 -17.93 3.54 -31.51
N PHE B 433 -17.12 4.59 -31.49
CA PHE B 433 -16.02 4.64 -30.54
C PHE B 433 -16.51 4.70 -29.08
N ALA B 434 -17.59 5.44 -28.82
CA ALA B 434 -18.16 5.51 -27.49
C ALA B 434 -18.56 4.12 -26.99
N GLU B 435 -19.25 3.35 -27.83
CA GLU B 435 -19.64 2.00 -27.47
C GLU B 435 -18.42 1.10 -27.32
N ALA B 436 -17.41 1.30 -28.16
CA ALA B 436 -16.15 0.55 -28.01
C ALA B 436 -15.56 0.73 -26.62
N LEU B 437 -15.53 1.97 -26.12
CA LEU B 437 -14.99 2.22 -24.79
C LEU B 437 -15.85 1.58 -23.72
N GLU B 438 -17.17 1.62 -23.90
CA GLU B 438 -18.09 1.02 -22.94
C GLU B 438 -17.82 -0.48 -22.84
N VAL B 439 -17.68 -1.13 -23.99
CA VAL B 439 -17.39 -2.55 -24.02
C VAL B 439 -16.00 -2.87 -23.46
N ALA B 440 -15.02 -2.05 -23.81
CA ALA B 440 -13.65 -2.23 -23.31
C ALA B 440 -13.61 -2.20 -21.78
N ASN B 441 -14.37 -1.29 -21.19
CA ASN B 441 -14.38 -1.12 -19.75
C ASN B 441 -15.22 -2.12 -18.97
N ASP B 442 -16.17 -2.78 -19.63
CA ASP B 442 -17.10 -3.65 -18.92
C ASP B 442 -16.57 -5.06 -18.73
N THR B 443 -15.45 -5.17 -18.00
CA THR B 443 -14.93 -6.44 -17.49
C THR B 443 -14.48 -6.18 -16.07
N PRO B 444 -14.18 -7.23 -15.29
CA PRO B 444 -13.67 -6.98 -13.93
C PRO B 444 -12.21 -6.55 -13.91
N TYR B 445 -11.57 -6.49 -15.08
CA TYR B 445 -10.13 -6.26 -15.17
C TYR B 445 -9.77 -4.85 -15.65
N GLY B 446 -8.48 -4.56 -15.71
CA GLY B 446 -8.01 -3.25 -16.15
C GLY B 446 -6.51 -3.19 -16.28
N LEU B 447 -5.93 -4.14 -17.00
CA LEU B 447 -4.48 -4.21 -17.10
C LEU B 447 -3.95 -3.50 -18.34
N THR B 448 -4.08 -4.12 -19.51
CA THR B 448 -3.67 -3.44 -20.74
C THR B 448 -4.84 -3.20 -21.68
N GLY B 449 -4.65 -2.24 -22.58
CA GLY B 449 -5.64 -1.95 -23.60
C GLY B 449 -4.95 -1.22 -24.73
N GLY B 450 -5.53 -1.27 -25.92
CA GLY B 450 -4.96 -0.52 -27.03
C GLY B 450 -6.02 0.10 -27.91
N VAL B 451 -5.61 1.12 -28.66
CA VAL B 451 -6.51 1.75 -29.62
C VAL B 451 -5.73 2.00 -30.90
N TYR B 452 -6.22 1.46 -32.01
CA TYR B 452 -5.74 1.88 -33.32
C TYR B 452 -6.72 2.87 -33.91
N SER B 453 -6.25 4.09 -34.11
CA SER B 453 -7.08 5.18 -34.62
C SER B 453 -6.15 6.30 -35.03
N ARG B 454 -6.52 7.03 -36.09
CA ARG B 454 -5.78 8.23 -36.45
C ARG B 454 -6.49 9.48 -35.96
N LYS B 455 -7.67 9.31 -35.37
CA LYS B 455 -8.45 10.47 -34.93
C LYS B 455 -7.95 10.93 -33.56
N ARG B 456 -7.38 12.12 -33.51
CA ARG B 456 -6.71 12.57 -32.29
C ARG B 456 -7.66 12.65 -31.12
N GLU B 457 -8.90 13.05 -31.38
CA GLU B 457 -9.91 13.19 -30.34
C GLU B 457 -10.33 11.84 -29.75
N HIS B 458 -10.25 10.78 -30.56
CA HIS B 458 -10.54 9.45 -30.04
C HIS B 458 -9.42 8.96 -29.12
N LEU B 459 -8.17 9.25 -29.49
CA LEU B 459 -7.03 8.93 -28.63
C LEU B 459 -7.10 9.65 -27.28
N GLU B 460 -7.43 10.95 -27.29
CA GLU B 460 -7.56 11.68 -26.03
C GLU B 460 -8.72 11.16 -25.20
N TRP B 461 -9.81 10.80 -25.88
CA TRP B 461 -10.96 10.21 -25.23
C TRP B 461 -10.52 8.92 -24.52
N ALA B 462 -9.77 8.07 -25.22
CA ALA B 462 -9.29 6.82 -24.61
C ALA B 462 -8.31 7.10 -23.46
N ARG B 463 -7.46 8.10 -23.62
CA ARG B 463 -6.50 8.46 -22.59
C ARG B 463 -7.23 8.73 -21.27
N ARG B 464 -8.41 9.34 -21.37
CA ARG B 464 -9.19 9.72 -20.19
C ARG B 464 -10.10 8.59 -19.70
N GLU B 465 -10.65 7.81 -20.64
CA GLU B 465 -11.78 6.93 -20.32
C GLU B 465 -11.54 5.42 -20.43
N PHE B 466 -10.51 4.99 -21.13
CA PHE B 466 -10.21 3.57 -21.27
C PHE B 466 -9.46 3.17 -20.00
N HIS B 467 -10.16 2.55 -19.06
CA HIS B 467 -9.63 2.37 -17.71
C HIS B 467 -8.72 1.14 -17.56
N VAL B 468 -7.49 1.29 -18.03
CA VAL B 468 -6.47 0.25 -17.92
C VAL B 468 -5.18 0.91 -17.46
N GLY B 469 -4.34 0.17 -16.74
CA GLY B 469 -3.11 0.73 -16.22
C GLY B 469 -2.06 0.98 -17.27
N ASN B 470 -2.13 0.25 -18.37
CA ASN B 470 -1.19 0.37 -19.47
C ASN B 470 -1.94 0.43 -20.79
N LEU B 471 -1.98 1.63 -21.36
CA LEU B 471 -2.77 1.89 -22.57
C LEU B 471 -1.83 2.23 -23.71
N TYR B 472 -2.11 1.68 -24.90
CA TYR B 472 -1.23 1.86 -26.04
C TYR B 472 -1.98 2.34 -27.25
N PHE B 473 -1.42 3.32 -27.95
CA PHE B 473 -2.03 3.84 -29.17
C PHE B 473 -1.20 3.46 -30.39
N ASN B 474 -1.85 2.77 -31.33
CA ASN B 474 -1.26 2.42 -32.62
C ASN B 474 0.00 1.57 -32.53
N ARG B 475 -0.01 0.63 -31.57
CA ARG B 475 1.04 -0.36 -31.42
C ARG B 475 0.53 -1.51 -30.56
N LYS B 476 1.33 -2.57 -30.50
CA LYS B 476 0.99 -3.76 -29.71
C LYS B 476 0.80 -3.41 -28.24
N ILE B 477 0.02 -4.22 -27.53
CA ILE B 477 -0.29 -3.93 -26.13
C ILE B 477 0.45 -4.83 -25.16
N THR B 478 1.32 -5.67 -25.71
CA THR B 478 2.20 -6.50 -24.89
C THR B 478 3.62 -5.92 -24.88
N GLY B 479 4.48 -6.51 -24.08
CA GLY B 479 5.89 -6.15 -24.11
C GLY B 479 6.28 -4.80 -23.51
N ALA B 480 5.59 -4.41 -22.44
CA ALA B 480 5.94 -3.19 -21.71
C ALA B 480 7.42 -3.24 -21.34
N LEU B 481 8.14 -2.15 -21.62
CA LEU B 481 9.56 -2.11 -21.36
C LEU B 481 9.83 -1.51 -19.99
N VAL B 482 10.73 -2.15 -19.25
CA VAL B 482 11.17 -1.65 -17.96
C VAL B 482 11.60 -0.20 -18.07
N GLY B 483 11.10 0.66 -17.17
CA GLY B 483 11.51 2.05 -17.17
C GLY B 483 10.67 2.94 -18.07
N VAL B 484 10.27 2.41 -19.21
CA VAL B 484 9.54 3.16 -20.23
C VAL B 484 8.05 3.20 -19.93
N GLN B 485 7.47 2.03 -19.69
CA GLN B 485 6.05 1.91 -19.36
C GLN B 485 5.88 1.21 -18.02
N PRO B 486 5.82 1.97 -16.92
CA PRO B 486 5.51 1.40 -15.61
C PRO B 486 4.35 0.43 -15.75
N PHE B 487 4.52 -0.80 -15.28
CA PHE B 487 3.56 -1.84 -15.64
C PHE B 487 2.71 -2.33 -14.47
N GLY B 488 1.39 -2.31 -14.66
CA GLY B 488 0.50 -2.70 -13.59
C GLY B 488 -0.88 -2.12 -13.82
N GLY B 489 -1.89 -2.77 -13.28
CA GLY B 489 -3.25 -2.44 -13.68
C GLY B 489 -4.17 -1.91 -12.61
N PHE B 490 -5.43 -1.83 -12.97
CA PHE B 490 -6.52 -1.36 -12.12
C PHE B 490 -7.47 -2.51 -11.87
N LYS B 491 -8.42 -2.30 -10.96
CA LYS B 491 -9.51 -3.24 -10.77
C LYS B 491 -9.00 -4.64 -10.39
N LEU B 492 -9.59 -5.70 -10.94
CA LEU B 492 -9.13 -7.03 -10.54
C LEU B 492 -7.88 -7.51 -11.28
N SER B 493 -7.20 -6.58 -11.97
CA SER B 493 -5.87 -6.85 -12.48
C SER B 493 -4.79 -6.67 -11.39
N GLY B 494 -5.22 -6.26 -10.20
CA GLY B 494 -4.30 -6.27 -9.07
C GLY B 494 -4.19 -4.96 -8.33
N THR B 495 -3.07 -4.80 -7.62
CA THR B 495 -2.90 -3.66 -6.72
C THR B 495 -2.18 -2.45 -7.31
N ASN B 496 -1.96 -2.44 -8.63
CA ASN B 496 -1.27 -1.32 -9.29
C ASN B 496 0.16 -1.13 -8.80
N ALA B 497 0.83 -2.25 -8.48
CA ALA B 497 2.24 -2.17 -8.14
C ALA B 497 3.00 -2.04 -9.44
N LYS B 498 3.45 -0.83 -9.74
CA LYS B 498 4.00 -0.57 -11.06
C LYS B 498 5.43 -1.06 -11.20
N THR B 499 5.59 -2.20 -11.86
CA THR B 499 6.93 -2.75 -12.04
C THR B 499 7.74 -1.90 -13.02
N GLY B 500 9.05 -1.95 -12.88
CA GLY B 500 9.95 -1.19 -13.74
C GLY B 500 9.75 0.31 -13.61
N ALA B 501 9.43 0.76 -12.41
CA ALA B 501 9.19 2.17 -12.12
C ALA B 501 9.75 2.49 -10.74
N LEU B 502 10.11 3.75 -10.51
CA LEU B 502 10.63 4.18 -9.21
C LEU B 502 9.68 3.81 -8.06
N ASP B 503 8.38 3.97 -8.33
CA ASP B 503 7.36 3.69 -7.33
C ASP B 503 7.34 2.25 -6.81
N TYR B 504 7.84 1.31 -7.60
CA TYR B 504 7.81 -0.09 -7.19
C TYR B 504 8.54 -0.28 -5.87
N LEU B 505 9.70 0.35 -5.74
CA LEU B 505 10.55 0.08 -4.59
C LEU B 505 9.98 0.63 -3.29
N ARG B 506 9.22 1.71 -3.38
CA ARG B 506 8.58 2.32 -2.22
C ARG B 506 7.68 1.33 -1.49
N LEU B 507 7.11 0.38 -2.23
CA LEU B 507 6.28 -0.67 -1.67
C LEU B 507 6.98 -1.53 -0.64
N PHE B 508 8.31 -1.60 -0.72
CA PHE B 508 9.09 -2.50 0.12
C PHE B 508 9.87 -1.75 1.18
N LEU B 509 9.39 -0.54 1.50
CA LEU B 509 10.03 0.32 2.49
C LEU B 509 8.99 0.88 3.46
N GLU B 510 9.44 1.17 4.67
CA GLU B 510 8.64 1.97 5.62
C GLU B 510 9.48 3.16 6.06
N MET B 511 8.85 4.17 6.64
CA MET B 511 9.56 5.41 6.96
C MET B 511 9.68 5.60 8.46
N LYS B 512 10.85 6.05 8.89
CA LYS B 512 11.10 6.43 10.28
C LYS B 512 11.45 7.91 10.32
N ALA B 513 10.92 8.60 11.33
CA ALA B 513 11.20 10.02 11.55
C ALA B 513 11.84 10.18 12.91
N VAL B 514 13.02 10.78 12.95
CA VAL B 514 13.75 10.95 14.21
C VAL B 514 14.01 12.43 14.46
N ALA B 515 13.59 12.90 15.63
CA ALA B 515 13.72 14.31 15.97
C ALA B 515 14.62 14.48 17.19
N GLU B 516 15.61 15.35 17.08
CA GLU B 516 16.41 15.69 18.25
C GLU B 516 16.25 17.17 18.60
N ARG B 517 15.89 17.44 19.85
CA ARG B 517 15.84 18.81 20.34
C ARG B 517 17.16 19.11 21.05
N PHE B 518 17.89 20.10 20.55
CA PHE B 518 19.20 20.41 21.10
C PHE B 518 19.16 21.21 22.38
C1 MRD C . 16.01 5.09 -12.12
C2 MRD C . 16.65 5.17 -13.45
O2 MRD C . 17.75 5.99 -13.36
CM MRD C . 17.07 3.80 -13.87
C3 MRD C . 15.66 5.69 -14.46
C4 MRD C . 15.51 7.18 -14.37
O4 MRD C . 14.40 7.49 -13.62
C5 MRD C . 15.32 7.72 -15.74
C1 MRD D . 5.30 20.15 0.41
C2 MRD D . 5.43 21.44 1.12
O2 MRD D . 5.48 22.44 0.18
CM MRD D . 4.20 21.66 1.94
C3 MRD D . 6.61 21.47 2.05
C4 MRD D . 7.92 21.01 1.49
O4 MRD D . 8.03 19.64 1.54
C5 MRD D . 9.02 21.56 2.33
#